data_3ISR
#
_entry.id   3ISR
#
_cell.length_a   90.716
_cell.length_b   115.240
_cell.length_c   131.262
_cell.angle_alpha   90.000
_cell.angle_beta   90.000
_cell.angle_gamma   90.000
#
_symmetry.space_group_name_H-M   'P 21 21 21'
#
loop_
_entity.id
_entity.type
_entity.pdbx_description
1 polymer 'Transglutaminase-like enzymes, putative cysteine protease'
2 water water
#
_entity_poly.entity_id   1
_entity_poly.type   'polypeptide(L)'
_entity_poly.pdbx_seq_one_letter_code
;GTENLYFQSNA(MSE)KFKIHSDITYQV(MSE)SPTTFIFNVHALRTESQHILDESLIVTPPIEIEEFSYNSGTSRFVRL
KATENTTFS(MSE)SYTATVDTQYKVIDQRQELETVPVVDLDGDIIPFLFPSRYCQSDKLQKLAYKEFGKIENVYSKVLA
ITDWIYNNVEYISGSTNSQTSAFDTITERAGVCRDFAHLGIALCRALSIPARYFTGYAFKLNPPDFHACFEAYIGGNWII
FDATRLVPLNGLVKIATGRDAADAAVASIFGNASSTN(MSE)HVECASLDTDFTPFWYDKNSLKGLSFQ
;
_entity_poly.pdbx_strand_id   A,B,C,D
#
# COMPACT_ATOMS: atom_id res chain seq x y z
N GLN A 8 -2.26 43.86 -10.28
CA GLN A 8 -1.33 44.05 -11.43
C GLN A 8 -1.57 43.00 -12.53
N SER A 9 -1.37 43.41 -13.79
CA SER A 9 -1.47 42.52 -14.94
C SER A 9 -0.19 42.59 -15.77
N ASN A 10 0.22 41.45 -16.35
CA ASN A 10 1.39 41.37 -17.23
C ASN A 10 1.22 40.32 -18.32
N ALA A 11 1.78 40.62 -19.50
CA ALA A 11 1.68 39.74 -20.67
C ALA A 11 3.07 39.41 -21.21
N LYS A 13 5.24 36.90 -24.61
CA LYS A 13 5.22 36.08 -25.79
C LYS A 13 6.31 35.03 -25.72
N PHE A 14 5.98 33.84 -26.21
CA PHE A 14 6.86 32.68 -26.18
C PHE A 14 6.78 31.94 -27.51
N LYS A 15 7.88 31.28 -27.86
CA LYS A 15 7.91 30.31 -28.95
C LYS A 15 8.11 28.96 -28.28
N ILE A 16 7.19 28.03 -28.51
CA ILE A 16 7.29 26.71 -27.88
C ILE A 16 7.48 25.63 -28.95
N HIS A 17 8.09 24.52 -28.56
CA HIS A 17 8.31 23.44 -29.50
C HIS A 17 8.47 22.10 -28.81
N SER A 18 7.90 21.06 -29.40
CA SER A 18 8.24 19.71 -28.96
C SER A 18 8.33 18.77 -30.15
N ASP A 19 9.23 17.81 -30.07
CA ASP A 19 9.23 16.74 -31.04
C ASP A 19 9.63 15.43 -30.41
N ILE A 20 9.00 14.37 -30.88
CA ILE A 20 9.19 13.04 -30.34
C ILE A 20 9.31 12.06 -31.51
N THR A 21 10.07 10.99 -31.32
CA THR A 21 10.17 9.93 -32.32
C THR A 21 9.77 8.62 -31.66
N TYR A 22 8.96 7.83 -32.37
CA TYR A 22 8.57 6.52 -31.90
C TYR A 22 9.00 5.37 -32.79
N GLN A 23 9.45 4.29 -32.17
CA GLN A 23 9.53 2.98 -32.83
C GLN A 23 8.30 2.18 -32.42
N VAL A 24 7.52 1.75 -33.41
CA VAL A 24 6.26 1.04 -33.18
C VAL A 24 6.42 -0.48 -33.42
N SER A 26 3.91 -3.25 -32.45
CA SER A 26 2.65 -3.82 -32.92
C SER A 26 1.66 -2.68 -33.22
N PRO A 27 0.48 -2.99 -33.81
CA PRO A 27 -0.46 -1.90 -34.12
C PRO A 27 -0.74 -1.08 -32.88
N THR A 28 -0.50 0.22 -32.96
CA THR A 28 -0.54 1.06 -31.77
C THR A 28 -1.30 2.34 -32.01
N THR A 29 -2.20 2.68 -31.07
CA THR A 29 -2.87 3.98 -31.07
C THR A 29 -2.22 4.90 -30.03
N PHE A 30 -1.99 6.14 -30.42
CA PHE A 30 -1.40 7.14 -29.53
C PHE A 30 -2.38 8.26 -29.27
N ILE A 31 -2.44 8.71 -28.02
CA ILE A 31 -3.11 9.97 -27.70
C ILE A 31 -2.08 10.91 -27.09
N PHE A 32 -1.84 12.03 -27.75
CA PHE A 32 -0.81 12.97 -27.31
C PHE A 32 -1.42 14.23 -26.74
N ASN A 33 -0.72 14.88 -25.82
CA ASN A 33 -1.15 16.19 -25.32
C ASN A 33 0.05 17.11 -25.26
N VAL A 34 0.33 17.77 -26.38
CA VAL A 34 1.48 18.66 -26.54
C VAL A 34 1.10 20.10 -26.94
N HIS A 35 -0.13 20.28 -27.42
CA HIS A 35 -0.61 21.57 -27.91
C HIS A 35 -0.79 22.57 -26.79
N ALA A 36 -0.46 23.84 -27.05
CA ALA A 36 -0.83 24.92 -26.12
C ALA A 36 -2.34 25.04 -26.06
N LEU A 37 -2.89 25.31 -24.86
CA LEU A 37 -4.30 25.57 -24.71
C LEU A 37 -4.71 26.99 -25.18
N ARG A 38 -5.92 27.13 -25.71
CA ARG A 38 -6.53 28.44 -25.98
C ARG A 38 -7.45 28.77 -24.84
N THR A 39 -7.17 29.88 -24.19
CA THR A 39 -8.00 30.34 -23.07
C THR A 39 -8.20 31.84 -23.21
N GLU A 40 -9.13 32.40 -22.45
CA GLU A 40 -9.34 33.85 -22.41
C GLU A 40 -8.00 34.57 -22.20
N SER A 41 -7.16 33.94 -21.39
CA SER A 41 -5.85 34.41 -20.97
C SER A 41 -4.71 34.17 -22.01
N GLN A 42 -4.71 32.98 -22.62
CA GLN A 42 -3.58 32.53 -23.45
C GLN A 42 -3.98 32.45 -24.92
N HIS A 43 -3.21 33.12 -25.77
CA HIS A 43 -3.56 33.21 -27.19
C HIS A 43 -2.50 32.60 -28.08
N ILE A 44 -2.93 31.76 -29.01
CA ILE A 44 -2.01 31.18 -29.96
C ILE A 44 -1.98 32.07 -31.21
N LEU A 45 -0.82 32.66 -31.48
CA LEU A 45 -0.66 33.53 -32.63
C LEU A 45 -0.52 32.67 -33.89
N ASP A 46 0.17 31.55 -33.76
CA ASP A 46 0.43 30.64 -34.87
C ASP A 46 0.84 29.28 -34.29
N GLU A 47 0.51 28.20 -34.99
CA GLU A 47 0.97 26.88 -34.57
C GLU A 47 1.03 25.94 -35.75
N SER A 48 1.87 24.92 -35.60
CA SER A 48 2.08 23.98 -36.68
C SER A 48 2.35 22.60 -36.11
N LEU A 49 1.61 21.60 -36.59
CA LEU A 49 1.84 20.22 -36.19
C LEU A 49 2.18 19.38 -37.41
N ILE A 50 3.36 18.76 -37.41
CA ILE A 50 3.77 17.93 -38.54
C ILE A 50 4.17 16.55 -38.06
N VAL A 51 3.59 15.51 -38.65
CA VAL A 51 4.09 14.15 -38.44
C VAL A 51 4.77 13.60 -39.70
N THR A 52 5.86 12.86 -39.49
CA THR A 52 6.69 12.33 -40.56
C THR A 52 7.01 10.87 -40.25
N PRO A 53 6.62 9.94 -41.15
CA PRO A 53 5.85 10.25 -42.36
C PRO A 53 4.42 10.61 -41.97
N PRO A 54 3.69 11.33 -42.86
CA PRO A 54 2.35 11.75 -42.48
C PRO A 54 1.47 10.55 -42.15
N ILE A 55 0.86 10.62 -40.98
CA ILE A 55 -0.12 9.65 -40.53
C ILE A 55 -1.36 10.49 -40.23
N GLU A 56 -2.54 9.97 -40.54
CA GLU A 56 -3.79 10.69 -40.26
C GLU A 56 -3.84 11.00 -38.77
N ILE A 57 -4.16 12.25 -38.44
CA ILE A 57 -4.16 12.71 -37.04
C ILE A 57 -5.44 13.55 -36.78
N GLU A 58 -6.03 13.39 -35.60
CA GLU A 58 -7.29 14.06 -35.29
C GLU A 58 -7.20 14.73 -33.92
N GLU A 59 -7.57 16.00 -33.86
CA GLU A 59 -7.62 16.72 -32.58
C GLU A 59 -8.99 16.54 -31.88
N PHE A 60 -8.99 16.29 -30.56
CA PHE A 60 -10.24 16.27 -29.79
C PHE A 60 -10.00 16.77 -28.35
N SER A 61 -11.10 17.12 -27.69
CA SER A 61 -11.08 17.49 -26.29
C SER A 61 -12.18 16.72 -25.54
N TYR A 62 -11.97 16.53 -24.25
CA TYR A 62 -13.02 16.08 -23.35
C TYR A 62 -14.07 17.17 -23.24
N ASN A 63 -15.25 16.85 -22.71
CA ASN A 63 -16.28 17.86 -22.47
C ASN A 63 -15.79 19.09 -21.68
N SER A 64 -14.90 18.88 -20.72
CA SER A 64 -14.38 19.99 -19.90
C SER A 64 -13.54 21.02 -20.68
N GLY A 65 -12.92 20.58 -21.76
CA GLY A 65 -12.18 21.48 -22.64
C GLY A 65 -10.91 22.12 -22.08
N THR A 66 -10.27 21.46 -21.12
CA THR A 66 -9.05 22.02 -20.56
C THR A 66 -7.77 21.33 -21.06
N SER A 67 -7.85 20.67 -22.22
CA SER A 67 -6.69 20.08 -22.90
C SER A 67 -7.05 19.82 -24.34
N ARG A 68 -6.06 19.87 -25.22
CA ARG A 68 -6.23 19.56 -26.63
C ARG A 68 -5.40 18.33 -26.92
N PHE A 69 -6.07 17.23 -27.24
CA PHE A 69 -5.39 15.97 -27.48
C PHE A 69 -5.34 15.73 -28.97
N VAL A 70 -4.27 15.09 -29.45
CA VAL A 70 -4.25 14.57 -30.81
C VAL A 70 -4.07 13.07 -30.82
N ARG A 71 -4.77 12.39 -31.70
CA ARG A 71 -4.65 10.95 -31.74
C ARG A 71 -4.39 10.43 -33.15
N LEU A 72 -3.63 9.34 -33.20
CA LEU A 72 -3.26 8.71 -34.47
C LEU A 72 -3.02 7.24 -34.20
N LYS A 73 -3.06 6.42 -35.25
CA LYS A 73 -2.68 5.01 -35.13
C LYS A 73 -1.54 4.70 -36.06
N ALA A 74 -0.59 3.89 -35.58
CA ALA A 74 0.57 3.51 -36.38
C ALA A 74 0.58 2.01 -36.54
N THR A 75 1.03 1.55 -37.71
CA THR A 75 1.09 0.13 -38.00
C THR A 75 2.36 -0.50 -37.44
N GLU A 76 2.38 -1.83 -37.36
CA GLU A 76 3.50 -2.58 -36.80
C GLU A 76 4.81 -2.30 -37.54
N ASN A 77 5.92 -2.44 -36.84
CA ASN A 77 7.27 -2.29 -37.41
C ASN A 77 7.50 -0.99 -38.21
N THR A 78 7.02 0.13 -37.69
CA THR A 78 7.27 1.45 -38.31
C THR A 78 7.84 2.44 -37.29
N THR A 79 8.35 3.56 -37.82
CA THR A 79 8.76 4.67 -36.97
C THR A 79 8.17 5.95 -37.53
N PHE A 80 7.86 6.90 -36.65
CA PHE A 80 7.34 8.19 -37.05
C PHE A 80 7.82 9.24 -36.08
N SER A 81 7.83 10.49 -36.53
CA SER A 81 8.24 11.60 -35.69
C SER A 81 7.11 12.62 -35.68
N SER A 83 6.14 16.66 -34.57
CA SER A 83 6.75 17.94 -34.27
C SER A 83 5.69 19.00 -34.11
N TYR A 84 5.68 19.69 -32.96
CA TYR A 84 4.71 20.76 -32.70
C TYR A 84 5.46 22.05 -32.43
N THR A 85 5.04 23.14 -33.09
CA THR A 85 5.69 24.42 -32.88
C THR A 85 4.61 25.47 -32.80
N ALA A 86 4.79 26.46 -31.92
CA ALA A 86 3.79 27.51 -31.81
C ALA A 86 4.36 28.77 -31.22
N THR A 87 3.74 29.90 -31.58
CA THR A 87 4.01 31.18 -30.95
CA THR A 87 4.00 31.18 -30.93
C THR A 87 2.78 31.58 -30.14
N VAL A 88 2.99 31.89 -28.85
CA VAL A 88 1.91 32.04 -27.88
C VAL A 88 2.09 33.29 -27.00
N ASP A 89 0.99 34.02 -26.77
CA ASP A 89 0.93 35.10 -25.78
C ASP A 89 0.24 34.61 -24.52
N THR A 90 0.82 34.88 -23.36
CA THR A 90 0.18 34.55 -22.08
C THR A 90 0.04 35.82 -21.26
N GLN A 91 -0.98 35.84 -20.39
CA GLN A 91 -1.17 36.95 -19.48
C GLN A 91 -1.38 36.39 -18.09
N TYR A 92 -0.83 37.06 -17.08
CA TYR A 92 -1.15 36.70 -15.70
C TYR A 92 -1.50 37.95 -14.87
N LYS A 93 -2.25 37.71 -13.79
CA LYS A 93 -2.56 38.73 -12.82
C LYS A 93 -1.81 38.46 -11.53
N VAL A 94 -1.41 39.52 -10.85
CA VAL A 94 -0.87 39.36 -9.50
C VAL A 94 -1.93 39.83 -8.53
N ILE A 95 -2.36 38.93 -7.66
CA ILE A 95 -3.56 39.15 -6.86
C ILE A 95 -3.24 39.16 -5.37
N ASP A 96 -3.63 40.25 -4.68
CA ASP A 96 -3.40 40.41 -3.24
C ASP A 96 -4.12 39.29 -2.46
N GLN A 97 -3.40 38.62 -1.58
CA GLN A 97 -3.99 37.53 -0.81
C GLN A 97 -4.13 37.86 0.66
N ARG A 98 -3.88 39.12 1.03
CA ARG A 98 -3.88 39.50 2.45
C ARG A 98 -5.18 39.17 3.17
N GLN A 99 -6.31 39.24 2.46
CA GLN A 99 -7.62 39.06 3.09
C GLN A 99 -8.25 37.68 2.86
N GLU A 100 -7.46 36.73 2.35
CA GLU A 100 -7.93 35.35 2.14
C GLU A 100 -7.80 34.55 3.45
N LEU A 101 -8.67 34.87 4.40
CA LEU A 101 -8.58 34.29 5.75
C LEU A 101 -9.40 33.02 5.92
N GLU A 102 -10.39 32.81 5.06
CA GLU A 102 -11.20 31.59 5.07
C GLU A 102 -11.37 31.12 3.64
N THR A 103 -11.43 29.79 3.46
CA THR A 103 -11.74 29.19 2.17
C THR A 103 -13.16 29.60 1.76
N VAL A 104 -13.39 29.79 0.46
CA VAL A 104 -14.75 30.04 -0.04
C VAL A 104 -15.62 28.85 0.36
N PRO A 105 -16.76 29.12 1.05
CA PRO A 105 -17.59 28.01 1.52
C PRO A 105 -17.95 27.02 0.40
N VAL A 106 -17.90 25.73 0.73
CA VAL A 106 -18.26 24.66 -0.22
C VAL A 106 -19.65 24.90 -0.80
N VAL A 107 -20.59 25.44 0.00
CA VAL A 107 -21.92 25.81 -0.51
C VAL A 107 -21.89 26.92 -1.58
N ASP A 108 -20.87 27.78 -1.55
CA ASP A 108 -20.82 28.88 -2.51
C ASP A 108 -20.01 28.61 -3.77
N LEU A 109 -19.24 27.52 -3.77
CA LEU A 109 -18.42 27.15 -4.93
C LEU A 109 -19.27 26.77 -6.14
N ASP A 110 -18.85 27.24 -7.31
CA ASP A 110 -19.46 26.84 -8.57
C ASP A 110 -19.34 25.32 -8.75
N GLY A 111 -20.35 24.75 -9.40
CA GLY A 111 -20.39 23.30 -9.65
C GLY A 111 -19.16 22.76 -10.34
N ASP A 112 -18.54 23.55 -11.22
CA ASP A 112 -17.33 23.12 -11.94
C ASP A 112 -16.02 23.19 -11.13
N ILE A 113 -16.06 23.81 -9.95
CA ILE A 113 -14.90 23.82 -9.03
C ILE A 113 -14.94 22.58 -8.10
N ILE A 114 -16.15 22.16 -7.73
CA ILE A 114 -16.36 21.08 -6.74
C ILE A 114 -15.58 19.79 -7.01
N PRO A 115 -15.49 19.33 -8.28
CA PRO A 115 -14.76 18.10 -8.50
C PRO A 115 -13.31 18.17 -8.00
N PHE A 116 -12.73 19.37 -7.94
CA PHE A 116 -11.33 19.52 -7.54
C PHE A 116 -11.12 19.50 -6.04
N LEU A 117 -12.20 19.23 -5.29
CA LEU A 117 -12.09 18.91 -3.88
C LEU A 117 -11.87 17.42 -3.63
N PHE A 118 -12.10 16.59 -4.64
CA PHE A 118 -12.14 15.13 -4.42
C PHE A 118 -10.83 14.39 -4.72
N PRO A 119 -10.62 13.26 -4.05
CA PRO A 119 -9.42 12.46 -4.33
C PRO A 119 -9.41 12.01 -5.78
N SER A 120 -8.21 11.85 -6.34
CA SER A 120 -8.09 11.31 -7.69
C SER A 120 -7.02 10.19 -7.68
N ARG A 121 -6.76 9.59 -8.84
CA ARG A 121 -5.86 8.42 -8.90
C ARG A 121 -4.53 8.66 -8.16
N TYR A 122 -3.86 9.77 -8.48
CA TYR A 122 -2.55 10.09 -7.93
C TYR A 122 -2.56 11.00 -6.72
N CYS A 123 -3.76 11.35 -6.23
CA CYS A 123 -3.91 12.34 -5.15
C CYS A 123 -4.95 11.83 -4.15
N GLN A 124 -4.50 10.91 -3.29
CA GLN A 124 -5.39 10.24 -2.33
C GLN A 124 -5.56 11.13 -1.10
N SER A 125 -6.20 12.28 -1.33
CA SER A 125 -6.38 13.28 -0.30
C SER A 125 -7.24 12.74 0.84
N ASP A 126 -8.09 11.75 0.56
CA ASP A 126 -8.89 11.11 1.59
C ASP A 126 -8.03 10.34 2.60
N LYS A 127 -6.81 9.97 2.23
CA LYS A 127 -5.94 9.24 3.17
C LYS A 127 -4.99 10.15 3.96
N LEU A 128 -5.01 11.45 3.67
CA LEU A 128 -4.04 12.40 4.21
C LEU A 128 -4.66 13.51 5.05
N GLN A 129 -5.94 13.36 5.40
CA GLN A 129 -6.66 14.39 6.16
C GLN A 129 -6.01 14.74 7.52
N LYS A 130 -5.73 13.74 8.33
CA LYS A 130 -5.11 14.01 9.62
C LYS A 130 -3.71 14.58 9.50
N LEU A 131 -2.89 13.99 8.64
CA LEU A 131 -1.53 14.49 8.46
C LEU A 131 -1.55 15.97 8.03
N ALA A 132 -2.33 16.28 7.00
CA ALA A 132 -2.42 17.66 6.49
C ALA A 132 -2.89 18.63 7.58
N TYR A 133 -3.90 18.22 8.36
CA TYR A 133 -4.35 19.08 9.44
C TYR A 133 -3.28 19.31 10.52
N LYS A 134 -2.58 18.25 10.90
CA LYS A 134 -1.55 18.32 11.93
C LYS A 134 -0.43 19.22 11.45
N GLU A 135 -0.04 19.09 10.18
CA GLU A 135 1.12 19.82 9.67
C GLU A 135 0.83 21.29 9.33
N PHE A 136 -0.36 21.56 8.79
CA PHE A 136 -0.67 22.87 8.17
C PHE A 136 -1.96 23.51 8.68
N GLY A 137 -2.73 22.77 9.49
CA GLY A 137 -4.10 23.18 9.80
C GLY A 137 -4.28 24.47 10.60
N LYS A 138 -3.24 24.90 11.29
CA LYS A 138 -3.32 26.09 12.14
C LYS A 138 -3.01 27.39 11.40
N ILE A 139 -2.56 27.29 10.16
CA ILE A 139 -2.24 28.49 9.37
C ILE A 139 -3.54 29.17 8.92
N GLU A 140 -3.71 30.44 9.28
CA GLU A 140 -5.00 31.12 9.09
C GLU A 140 -5.25 31.47 7.64
N ASN A 141 -4.31 32.16 7.03
CA ASN A 141 -4.48 32.59 5.66
C ASN A 141 -4.41 31.42 4.68
N VAL A 142 -5.40 31.29 3.79
CA VAL A 142 -5.49 30.17 2.87
C VAL A 142 -4.33 30.16 1.88
N TYR A 143 -3.98 31.32 1.35
CA TYR A 143 -2.77 31.39 0.51
C TYR A 143 -1.51 30.99 1.29
N SER A 144 -1.33 31.52 2.50
CA SER A 144 -0.15 31.19 3.31
C SER A 144 -0.11 29.70 3.56
N LYS A 145 -1.29 29.08 3.70
CA LYS A 145 -1.36 27.64 3.96
C LYS A 145 -0.92 26.83 2.74
N VAL A 146 -1.35 27.23 1.53
CA VAL A 146 -0.89 26.53 0.32
C VAL A 146 0.62 26.76 0.14
N LEU A 147 1.07 27.98 0.43
CA LEU A 147 2.49 28.27 0.34
C LEU A 147 3.31 27.43 1.33
N ALA A 148 2.75 27.22 2.52
CA ALA A 148 3.38 26.38 3.54
C ALA A 148 3.48 24.93 3.08
N ILE A 149 2.43 24.44 2.43
CA ILE A 149 2.48 23.13 1.77
C ILE A 149 3.61 23.05 0.72
N THR A 150 3.65 24.03 -0.18
CA THR A 150 4.68 24.01 -1.24
CA THR A 150 4.63 24.09 -1.25
C THR A 150 6.08 24.11 -0.67
N ASP A 151 6.28 24.95 0.34
CA ASP A 151 7.59 25.08 0.97
C ASP A 151 7.95 23.79 1.74
N TRP A 152 6.96 23.15 2.35
CA TRP A 152 7.22 21.89 3.04
C TRP A 152 7.70 20.84 2.04
N ILE A 153 7.02 20.75 0.91
CA ILE A 153 7.39 19.81 -0.15
C ILE A 153 8.79 20.11 -0.66
N TYR A 154 9.07 21.38 -0.95
CA TYR A 154 10.38 21.73 -1.46
C TYR A 154 11.49 21.32 -0.47
N ASN A 155 11.28 21.58 0.81
CA ASN A 155 12.30 21.35 1.83
C ASN A 155 12.41 19.91 2.28
N ASN A 156 11.40 19.10 1.97
CA ASN A 156 11.31 17.76 2.54
C ASN A 156 11.26 16.60 1.55
N VAL A 157 11.17 16.93 0.27
CA VAL A 157 11.18 15.95 -0.79
C VAL A 157 12.32 16.29 -1.74
N GLU A 158 13.19 15.32 -1.96
CA GLU A 158 14.34 15.49 -2.84
C GLU A 158 13.91 15.40 -4.28
N TYR A 159 14.44 16.30 -5.11
CA TYR A 159 14.21 16.21 -6.54
C TYR A 159 15.22 15.25 -7.14
N ILE A 160 14.77 14.06 -7.51
CA ILE A 160 15.68 13.06 -8.06
C ILE A 160 15.12 12.37 -9.30
N SER A 161 15.79 12.58 -10.44
CA SER A 161 15.38 11.97 -11.70
CA SER A 161 15.38 11.97 -11.70
C SER A 161 15.42 10.46 -11.57
N GLY A 162 14.44 9.78 -12.15
CA GLY A 162 14.37 8.33 -12.17
C GLY A 162 14.04 7.65 -10.84
N SER A 163 13.65 8.42 -9.84
CA SER A 163 13.31 7.84 -8.53
C SER A 163 11.87 7.32 -8.49
N THR A 164 11.07 7.71 -9.48
CA THR A 164 9.65 7.37 -9.47
C THR A 164 9.21 6.86 -10.85
N ASN A 165 7.95 6.42 -10.94
CA ASN A 165 7.41 6.02 -12.23
C ASN A 165 5.96 6.48 -12.37
N SER A 166 5.28 6.04 -13.44
CA SER A 166 3.95 6.56 -13.71
C SER A 166 2.89 6.02 -12.73
N GLN A 167 3.23 5.02 -11.92
CA GLN A 167 2.28 4.50 -10.93
C GLN A 167 2.38 5.26 -9.61
N THR A 168 3.46 6.01 -9.43
CA THR A 168 3.72 6.72 -8.17
C THR A 168 2.64 7.79 -7.92
N SER A 169 2.24 7.89 -6.66
CA SER A 169 1.20 8.81 -6.22
C SER A 169 1.66 9.69 -5.06
N ALA A 170 0.85 10.69 -4.72
CA ALA A 170 1.13 11.57 -3.57
C ALA A 170 1.31 10.76 -2.29
N PHE A 171 0.51 9.71 -2.13
CA PHE A 171 0.56 8.85 -0.93
C PHE A 171 1.93 8.17 -0.81
N ASP A 172 2.51 7.81 -1.95
CA ASP A 172 3.86 7.26 -1.98
C ASP A 172 4.95 8.29 -1.65
N THR A 173 4.83 9.47 -2.23
CA THR A 173 5.86 10.51 -2.12
C THR A 173 6.01 11.01 -0.69
N ILE A 174 4.90 11.08 0.02
CA ILE A 174 4.86 11.51 1.41
C ILE A 174 5.82 10.69 2.29
N THR A 175 5.99 9.40 2.00
CA THR A 175 6.94 8.56 2.74
C THR A 175 8.29 8.37 2.02
N GLU A 176 8.26 8.28 0.69
CA GLU A 176 9.48 8.11 -0.11
C GLU A 176 10.40 9.32 -0.06
N ARG A 177 9.81 10.51 -0.03
CA ARG A 177 10.57 11.77 0.08
C ARG A 177 11.52 12.00 -1.09
N ALA A 178 11.17 11.47 -2.26
CA ALA A 178 11.92 11.76 -3.48
C ALA A 178 10.94 11.72 -4.65
N GLY A 179 11.20 12.51 -5.68
CA GLY A 179 10.37 12.46 -6.87
C GLY A 179 10.83 13.47 -7.92
N VAL A 180 10.05 13.55 -8.98
CA VAL A 180 10.21 14.60 -10.01
C VAL A 180 8.96 15.50 -10.08
N CYS A 181 8.87 16.41 -11.05
CA CYS A 181 7.83 17.47 -10.98
C CYS A 181 6.41 16.89 -10.88
N ARG A 182 6.14 15.83 -11.62
CA ARG A 182 4.80 15.22 -11.58
C ARG A 182 4.43 14.81 -10.13
N ASP A 183 5.41 14.25 -9.41
CA ASP A 183 5.18 13.86 -8.03
C ASP A 183 5.04 15.04 -7.11
N PHE A 184 5.84 16.09 -7.31
CA PHE A 184 5.72 17.30 -6.52
C PHE A 184 4.33 17.92 -6.72
N ALA A 185 3.85 17.93 -7.96
CA ALA A 185 2.53 18.47 -8.31
C ALA A 185 1.41 17.69 -7.62
N HIS A 186 1.45 16.35 -7.75
CA HIS A 186 0.42 15.51 -7.14
C HIS A 186 0.40 15.66 -5.62
N LEU A 187 1.58 15.75 -4.99
CA LEU A 187 1.59 15.85 -3.54
C LEU A 187 1.04 17.21 -3.07
N GLY A 188 1.36 18.28 -3.79
CA GLY A 188 0.78 19.59 -3.43
C GLY A 188 -0.75 19.54 -3.54
N ILE A 189 -1.24 18.94 -4.62
CA ILE A 189 -2.70 18.83 -4.84
C ILE A 189 -3.38 18.00 -3.73
N ALA A 190 -2.81 16.86 -3.39
CA ALA A 190 -3.42 15.98 -2.42
C ALA A 190 -3.50 16.69 -1.05
N LEU A 191 -2.45 17.41 -0.69
CA LEU A 191 -2.43 18.12 0.59
C LEU A 191 -3.46 19.27 0.63
N CYS A 192 -3.58 20.05 -0.47
CA CYS A 192 -4.63 21.06 -0.59
C CYS A 192 -6.01 20.47 -0.40
N ARG A 193 -6.33 19.44 -1.17
CA ARG A 193 -7.66 18.81 -1.06
C ARG A 193 -7.90 18.27 0.32
N ALA A 194 -6.85 17.72 0.95
CA ALA A 194 -7.02 17.16 2.29
C ALA A 194 -7.45 18.27 3.27
N LEU A 195 -7.16 19.51 2.92
CA LEU A 195 -7.54 20.65 3.76
C LEU A 195 -8.76 21.40 3.21
N SER A 196 -9.49 20.74 2.32
CA SER A 196 -10.68 21.31 1.68
C SER A 196 -10.40 22.56 0.85
N ILE A 197 -9.25 22.55 0.16
CA ILE A 197 -8.90 23.60 -0.79
C ILE A 197 -8.89 22.96 -2.16
N PRO A 198 -9.73 23.45 -3.09
CA PRO A 198 -9.76 22.84 -4.42
C PRO A 198 -8.42 23.03 -5.07
N ALA A 199 -7.96 22.02 -5.78
CA ALA A 199 -6.63 22.09 -6.42
C ALA A 199 -6.64 21.23 -7.68
N ARG A 200 -5.84 21.63 -8.66
CA ARG A 200 -5.83 20.94 -9.92
C ARG A 200 -4.42 20.88 -10.48
N TYR A 201 -4.18 19.89 -11.33
CA TYR A 201 -2.88 19.62 -11.99
C TYR A 201 -2.72 20.53 -13.18
N PHE A 202 -1.51 21.05 -13.38
CA PHE A 202 -1.20 21.97 -14.48
C PHE A 202 0.02 21.40 -15.20
N THR A 203 -0.07 21.26 -16.52
CA THR A 203 1.12 20.90 -17.32
C THR A 203 1.41 22.00 -18.30
N GLY A 204 2.69 22.18 -18.63
CA GLY A 204 3.00 23.16 -19.62
C GLY A 204 4.42 23.15 -20.10
N TYR A 205 4.70 24.09 -20.99
CA TYR A 205 6.06 24.40 -21.40
C TYR A 205 6.58 25.38 -20.36
N ALA A 206 7.88 25.38 -20.12
CA ALA A 206 8.42 26.21 -19.06
C ALA A 206 9.70 26.90 -19.46
N PHE A 207 9.67 28.23 -19.53
CA PHE A 207 10.86 29.00 -19.87
C PHE A 207 11.88 28.91 -18.74
N LYS A 208 13.15 28.76 -19.11
CA LYS A 208 14.28 28.69 -18.16
C LYS A 208 14.41 27.34 -17.45
N LEU A 209 13.59 26.37 -17.80
CA LEU A 209 13.76 25.03 -17.25
C LEU A 209 14.99 24.40 -17.86
N ASN A 210 15.91 23.96 -17.00
CA ASN A 210 17.16 23.33 -17.45
C ASN A 210 17.39 21.98 -16.75
N PRO A 211 17.51 20.89 -17.53
CA PRO A 211 17.40 20.82 -19.00
C PRO A 211 15.95 21.04 -19.45
N PRO A 212 15.74 21.52 -20.69
CA PRO A 212 14.40 21.85 -21.17
C PRO A 212 13.52 20.62 -21.25
N ASP A 213 12.26 20.76 -20.86
CA ASP A 213 11.33 19.65 -20.76
C ASP A 213 9.91 20.17 -20.53
N PHE A 214 8.93 19.29 -20.65
CA PHE A 214 7.57 19.59 -20.17
C PHE A 214 7.64 19.70 -18.65
N HIS A 215 6.74 20.44 -18.04
CA HIS A 215 6.78 20.68 -16.61
C HIS A 215 5.38 20.48 -16.03
N ALA A 216 5.30 20.07 -14.78
CA ALA A 216 3.99 19.89 -14.12
C ALA A 216 4.02 20.59 -12.79
N CYS A 217 2.94 21.29 -12.46
CA CYS A 217 2.80 21.87 -11.15
C CYS A 217 1.32 21.89 -10.81
N PHE A 218 0.88 22.81 -9.97
CA PHE A 218 -0.51 22.79 -9.60
C PHE A 218 -1.09 24.18 -9.37
N GLU A 219 -2.42 24.24 -9.32
CA GLU A 219 -3.10 25.49 -9.01
C GLU A 219 -4.11 25.21 -7.90
N ALA A 220 -4.28 26.19 -7.01
CA ALA A 220 -5.29 26.11 -5.97
C ALA A 220 -6.29 27.23 -6.15
N TYR A 221 -7.55 26.91 -5.90
CA TYR A 221 -8.62 27.86 -5.99
C TYR A 221 -8.77 28.58 -4.66
N ILE A 222 -8.33 29.83 -4.66
CA ILE A 222 -8.32 30.66 -3.45
C ILE A 222 -9.05 31.93 -3.75
N GLY A 223 -10.13 32.17 -3.02
CA GLY A 223 -10.91 33.39 -3.15
C GLY A 223 -11.38 33.67 -4.57
N GLY A 224 -11.82 32.65 -5.29
CA GLY A 224 -12.39 32.90 -6.61
C GLY A 224 -11.39 32.88 -7.75
N ASN A 225 -10.12 32.62 -7.45
CA ASN A 225 -9.09 32.60 -8.49
C ASN A 225 -8.22 31.36 -8.38
N TRP A 226 -7.85 30.80 -9.53
CA TRP A 226 -6.85 29.72 -9.55
C TRP A 226 -5.45 30.34 -9.45
N ILE A 227 -4.73 30.00 -8.38
CA ILE A 227 -3.42 30.56 -8.11
C ILE A 227 -2.38 29.46 -8.37
N ILE A 228 -1.33 29.78 -9.13
CA ILE A 228 -0.32 28.80 -9.52
CA ILE A 228 -0.36 28.76 -9.49
C ILE A 228 0.71 28.56 -8.40
N PHE A 229 1.17 27.32 -8.23
CA PHE A 229 2.22 27.00 -7.26
C PHE A 229 3.11 25.95 -7.89
N ASP A 230 4.37 25.92 -7.48
CA ASP A 230 5.30 24.91 -7.97
C ASP A 230 6.32 24.61 -6.90
N ALA A 231 6.11 23.48 -6.20
CA ALA A 231 6.99 23.08 -5.09
C ALA A 231 8.38 22.69 -5.53
N THR A 232 8.60 22.51 -6.82
CA THR A 232 9.97 22.17 -7.24
C THR A 232 10.89 23.39 -7.19
N ARG A 233 10.28 24.57 -7.31
CA ARG A 233 10.97 25.86 -7.46
C ARG A 233 11.93 25.90 -8.65
N LEU A 234 11.72 25.05 -9.65
CA LEU A 234 12.66 24.93 -10.77
C LEU A 234 12.52 26.05 -11.80
N VAL A 235 11.35 26.68 -11.86
CA VAL A 235 11.03 27.57 -12.96
C VAL A 235 10.37 28.86 -12.49
N PRO A 236 10.64 29.98 -13.18
CA PRO A 236 9.87 31.18 -12.86
C PRO A 236 8.41 30.92 -13.19
N LEU A 237 7.53 31.35 -12.30
CA LEU A 237 6.10 31.03 -12.43
C LEU A 237 5.53 31.72 -13.64
N ASN A 238 6.07 32.89 -13.96
CA ASN A 238 5.59 33.62 -15.13
C ASN A 238 6.17 33.14 -16.46
N GLY A 239 6.98 32.08 -16.42
CA GLY A 239 7.56 31.50 -17.62
C GLY A 239 6.79 30.33 -18.21
N LEU A 240 5.62 30.03 -17.62
CA LEU A 240 4.83 28.84 -18.00
C LEU A 240 3.83 29.09 -19.16
N VAL A 241 3.77 28.16 -20.11
CA VAL A 241 2.77 28.19 -21.18
C VAL A 241 1.92 26.94 -21.00
N LYS A 242 0.61 27.14 -20.78
CA LYS A 242 -0.26 26.04 -20.36
C LYS A 242 -0.58 25.08 -21.48
N ILE A 243 -0.42 23.80 -21.19
CA ILE A 243 -0.86 22.72 -22.07
C ILE A 243 -2.21 22.23 -21.57
N ALA A 244 -2.29 21.83 -20.29
CA ALA A 244 -3.53 21.27 -19.78
C ALA A 244 -3.71 21.55 -18.29
N THR A 245 -4.98 21.53 -17.87
CA THR A 245 -5.29 21.34 -16.48
C THR A 245 -6.23 20.13 -16.32
N GLY A 246 -6.21 19.50 -15.15
CA GLY A 246 -7.07 18.34 -14.91
C GLY A 246 -6.96 17.95 -13.45
N ARG A 247 -7.54 16.83 -13.08
CA ARG A 247 -7.57 16.43 -11.68
C ARG A 247 -6.17 15.96 -11.25
N ASP A 248 -5.49 15.29 -12.17
CA ASP A 248 -4.10 14.84 -11.97
C ASP A 248 -3.58 14.36 -13.31
N ALA A 249 -2.41 13.73 -13.31
CA ALA A 249 -1.73 13.28 -14.55
C ALA A 249 -2.54 12.30 -15.38
N ALA A 250 -3.51 11.61 -14.79
CA ALA A 250 -4.36 10.68 -15.55
C ALA A 250 -5.15 11.44 -16.63
N ASP A 251 -5.38 12.73 -16.39
CA ASP A 251 -6.12 13.60 -17.31
C ASP A 251 -5.19 14.39 -18.26
N ALA A 252 -3.88 14.21 -18.14
CA ALA A 252 -2.97 15.09 -18.86
C ALA A 252 -1.64 14.42 -19.20
N ALA A 253 -1.68 13.18 -19.65
CA ALA A 253 -0.45 12.48 -20.03
C ALA A 253 0.10 13.09 -21.32
N VAL A 254 1.43 13.21 -21.41
CA VAL A 254 2.06 13.64 -22.66
C VAL A 254 1.68 12.65 -23.77
N ALA A 255 1.73 11.36 -23.48
CA ALA A 255 1.48 10.36 -24.50
C ALA A 255 0.83 9.16 -23.85
N SER A 256 -0.40 8.85 -24.25
CA SER A 256 -1.04 7.62 -23.86
C SER A 256 -0.92 6.64 -25.02
N ILE A 257 -0.35 5.47 -24.74
CA ILE A 257 -0.02 4.51 -25.77
C ILE A 257 -0.83 3.22 -25.58
N PHE A 258 -1.61 2.88 -26.60
CA PHE A 258 -2.42 1.69 -26.60
C PHE A 258 -1.84 0.73 -27.62
N GLY A 259 -0.97 -0.15 -27.15
CA GLY A 259 -0.18 -1.03 -28.00
C GLY A 259 1.23 -1.11 -27.46
N ASN A 260 2.19 -1.27 -28.36
CA ASN A 260 3.58 -1.45 -27.99
C ASN A 260 4.48 -0.58 -28.84
N ALA A 261 5.04 0.44 -28.21
CA ALA A 261 5.96 1.35 -28.86
C ALA A 261 6.79 2.04 -27.78
N SER A 262 7.99 2.44 -28.14
CA SER A 262 8.87 3.18 -27.23
C SER A 262 9.41 4.45 -27.89
N SER A 263 9.51 5.52 -27.09
CA SER A 263 10.08 6.77 -27.56
C SER A 263 11.61 6.67 -27.61
N THR A 264 12.16 7.11 -28.73
CA THR A 264 13.58 7.10 -28.95
C THR A 264 14.18 8.38 -28.37
N ASN A 265 13.45 9.49 -28.52
CA ASN A 265 13.96 10.81 -28.16
C ASN A 265 12.84 11.83 -28.04
N HIS A 267 12.33 16.09 -27.36
CA HIS A 267 13.02 17.37 -27.31
C HIS A 267 12.00 18.48 -27.14
N VAL A 268 12.20 19.29 -26.12
CA VAL A 268 11.25 20.34 -25.79
C VAL A 268 11.99 21.66 -25.70
N GLU A 269 11.38 22.74 -26.19
CA GLU A 269 11.97 24.07 -26.06
C GLU A 269 10.89 25.10 -25.72
N CYS A 270 11.25 26.05 -24.88
CA CYS A 270 10.41 27.19 -24.62
C CYS A 270 11.32 28.39 -24.59
N ALA A 271 11.16 29.28 -25.55
CA ALA A 271 11.98 30.50 -25.64
C ALA A 271 11.11 31.73 -25.45
N SER A 272 11.64 32.71 -24.71
CA SER A 272 10.96 33.98 -24.52
C SER A 272 11.23 34.86 -25.73
N LEU A 273 10.18 35.50 -26.21
CA LEU A 273 10.32 36.43 -27.33
C LEU A 273 10.34 37.91 -26.88
N ASP A 274 10.31 38.14 -25.56
CA ASP A 274 10.54 39.46 -24.98
C ASP A 274 11.99 39.54 -24.47
N THR A 275 12.62 40.68 -24.67
CA THR A 275 14.01 40.85 -24.25
C THR A 275 14.13 41.40 -22.82
N ASP A 276 13.00 41.73 -22.22
CA ASP A 276 12.98 42.21 -20.85
C ASP A 276 12.19 41.26 -19.91
N PHE A 277 12.34 39.95 -20.13
CA PHE A 277 11.73 38.96 -19.21
C PHE A 277 12.35 39.04 -17.83
N THR A 278 11.49 39.17 -16.81
CA THR A 278 11.95 39.17 -15.43
C THR A 278 11.28 38.00 -14.69
N PRO A 279 12.10 37.02 -14.25
CA PRO A 279 11.57 35.79 -13.70
C PRO A 279 11.07 35.99 -12.28
N PHE A 280 9.84 35.51 -12.02
CA PHE A 280 9.21 35.69 -10.70
C PHE A 280 8.99 34.41 -9.96
N TRP A 281 9.21 34.47 -8.65
CA TRP A 281 8.91 33.38 -7.71
C TRP A 281 8.23 34.00 -6.49
N TYR A 282 7.62 33.18 -5.64
CA TYR A 282 6.97 33.71 -4.42
C TYR A 282 7.92 33.87 -3.23
N ASP A 283 7.73 34.94 -2.46
CA ASP A 283 8.37 35.07 -1.15
C ASP A 283 7.37 34.74 -0.04
N LYS A 284 7.85 34.15 1.06
CA LYS A 284 6.97 33.74 2.17
C LYS A 284 6.08 34.85 2.74
N ASN A 285 6.69 35.97 3.17
CA ASN A 285 5.92 37.07 3.78
C ASN A 285 5.08 37.94 2.86
N SER A 286 5.31 37.91 1.54
CA SER A 286 4.38 38.59 0.63
C SER A 286 3.14 37.70 0.47
N LEU A 287 2.04 38.36 0.40
CA LEU A 287 0.77 37.68 0.28
C LEU A 287 0.22 38.07 -1.07
N LYS A 288 0.95 37.66 -2.11
CA LYS A 288 0.55 37.88 -3.50
C LYS A 288 0.55 36.57 -4.25
N GLY A 289 -0.47 36.38 -5.08
CA GLY A 289 -0.61 35.14 -5.83
C GLY A 289 -0.60 35.46 -7.30
N LEU A 290 -0.03 34.57 -8.11
CA LEU A 290 -0.06 34.74 -9.54
C LEU A 290 -1.17 33.86 -10.11
N SER A 291 -1.93 34.38 -11.07
CA SER A 291 -3.06 33.65 -11.63
C SER A 291 -3.10 33.83 -13.15
N PHE A 292 -3.15 32.71 -13.87
CA PHE A 292 -3.33 32.73 -15.32
C PHE A 292 -4.83 32.78 -15.61
N GLN A 293 -5.28 33.96 -15.99
CA GLN A 293 -6.68 34.30 -16.20
C GLN A 293 -6.77 35.62 -16.93
N LEU B 5 -29.09 -6.40 -34.26
CA LEU B 5 -30.34 -5.73 -33.80
C LEU B 5 -30.28 -5.45 -32.30
N TYR B 6 -31.39 -4.92 -31.79
CA TYR B 6 -31.65 -4.89 -30.35
C TYR B 6 -33.13 -5.03 -30.05
N PHE B 7 -33.47 -5.61 -28.90
CA PHE B 7 -34.83 -5.62 -28.37
C PHE B 7 -34.99 -4.37 -27.51
N GLN B 8 -36.15 -3.71 -27.59
CA GLN B 8 -36.41 -2.54 -26.74
C GLN B 8 -37.47 -2.90 -25.71
N SER B 9 -37.17 -2.64 -24.44
CA SER B 9 -38.16 -2.81 -23.39
C SER B 9 -39.31 -1.82 -23.55
N ASN B 10 -40.43 -2.13 -22.91
CA ASN B 10 -41.46 -1.11 -22.69
C ASN B 10 -40.98 -0.18 -21.57
N ALA B 11 -41.66 0.95 -21.40
CA ALA B 11 -41.38 1.83 -20.27
C ALA B 11 -41.58 1.05 -18.98
N LYS B 13 -41.87 1.18 -15.03
CA LYS B 13 -42.26 2.16 -14.02
C LYS B 13 -41.87 1.72 -12.62
N PHE B 14 -41.28 2.64 -11.85
CA PHE B 14 -40.87 2.38 -10.48
C PHE B 14 -41.27 3.50 -9.53
N LYS B 15 -41.46 3.12 -8.27
CA LYS B 15 -41.56 4.12 -7.21
C LYS B 15 -40.28 4.00 -6.41
N ILE B 16 -39.60 5.12 -6.20
CA ILE B 16 -38.33 5.10 -5.45
C ILE B 16 -38.40 6.01 -4.23
N HIS B 17 -37.69 5.61 -3.19
CA HIS B 17 -37.62 6.41 -1.97
C HIS B 17 -36.31 6.19 -1.25
N SER B 18 -35.74 7.27 -0.74
CA SER B 18 -34.70 7.17 0.27
C SER B 18 -34.91 8.21 1.37
N ASP B 19 -34.53 7.86 2.59
CA ASP B 19 -34.42 8.86 3.65
C ASP B 19 -33.17 8.61 4.50
N ILE B 20 -32.60 9.69 5.01
CA ILE B 20 -31.38 9.62 5.81
C ILE B 20 -31.47 10.65 6.93
N THR B 21 -30.95 10.28 8.10
CA THR B 21 -30.90 11.18 9.25
C THR B 21 -29.46 11.31 9.71
N TYR B 22 -29.04 12.54 10.01
CA TYR B 22 -27.69 12.80 10.50
C TYR B 22 -27.65 13.50 11.86
N GLN B 23 -26.67 13.12 12.68
CA GLN B 23 -26.28 13.90 13.84
C GLN B 23 -25.08 14.72 13.40
N VAL B 24 -25.15 16.04 13.62
CA VAL B 24 -24.11 16.96 13.17
C VAL B 24 -23.30 17.40 14.40
N SER B 26 -20.12 19.23 14.29
CA SER B 26 -19.51 20.53 14.06
C SER B 26 -20.18 21.14 12.83
N PRO B 27 -19.90 22.43 12.51
CA PRO B 27 -20.53 23.03 11.31
C PRO B 27 -20.14 22.25 10.05
N THR B 28 -21.14 21.77 9.31
CA THR B 28 -20.91 20.77 8.27
C THR B 28 -21.68 21.10 7.00
N THR B 29 -21.01 20.96 5.87
CA THR B 29 -21.66 21.03 4.56
C THR B 29 -21.79 19.62 3.98
N PHE B 30 -22.97 19.32 3.42
CA PHE B 30 -23.26 18.04 2.80
C PHE B 30 -23.47 18.24 1.32
N ILE B 31 -22.95 17.31 0.53
CA ILE B 31 -23.34 17.23 -0.87
C ILE B 31 -23.86 15.83 -1.04
N PHE B 32 -25.15 15.75 -1.37
CA PHE B 32 -25.82 14.48 -1.49
C PHE B 32 -26.05 14.10 -2.95
N ASN B 33 -26.15 12.80 -3.20
CA ASN B 33 -26.52 12.33 -4.51
C ASN B 33 -27.58 11.25 -4.40
N VAL B 34 -28.85 11.68 -4.32
CA VAL B 34 -29.98 10.77 -4.12
C VAL B 34 -31.07 10.83 -5.19
N HIS B 35 -31.15 11.95 -5.93
CA HIS B 35 -32.11 12.12 -7.02
C HIS B 35 -31.91 11.17 -8.19
N ALA B 36 -33.01 10.70 -8.77
CA ALA B 36 -32.93 9.93 -10.01
C ALA B 36 -32.45 10.85 -11.12
N LEU B 37 -31.67 10.31 -12.05
CA LEU B 37 -31.19 11.12 -13.16
C LEU B 37 -32.30 11.25 -14.20
N ARG B 38 -32.29 12.38 -14.92
CA ARG B 38 -33.12 12.59 -16.11
C ARG B 38 -32.27 12.39 -17.34
N THR B 39 -32.65 11.42 -18.16
CA THR B 39 -31.93 11.12 -19.39
C THR B 39 -32.94 10.97 -20.53
N GLU B 40 -32.43 10.76 -21.74
CA GLU B 40 -33.32 10.51 -22.88
C GLU B 40 -34.18 9.26 -22.67
N SER B 41 -33.71 8.35 -21.81
CA SER B 41 -34.38 7.06 -21.63
C SER B 41 -35.02 6.85 -20.25
N GLN B 42 -34.69 7.74 -19.31
CA GLN B 42 -35.21 7.68 -17.95
C GLN B 42 -35.89 9.00 -17.62
N HIS B 43 -37.18 8.92 -17.28
CA HIS B 43 -38.00 10.11 -17.05
C HIS B 43 -38.59 10.09 -15.64
N ILE B 44 -38.53 11.25 -15.00
CA ILE B 44 -39.13 11.41 -13.70
C ILE B 44 -40.53 11.99 -13.93
N LEU B 45 -41.53 11.17 -13.60
CA LEU B 45 -42.92 11.56 -13.76
C LEU B 45 -43.30 12.45 -12.59
N ASP B 46 -42.75 12.15 -11.41
CA ASP B 46 -42.97 12.92 -10.18
C ASP B 46 -41.84 12.71 -9.15
N GLU B 47 -41.43 13.77 -8.46
CA GLU B 47 -40.47 13.66 -7.35
C GLU B 47 -40.74 14.68 -6.23
N SER B 48 -40.35 14.32 -5.02
CA SER B 48 -40.46 15.20 -3.85
C SER B 48 -39.25 15.06 -2.91
N LEU B 49 -38.71 16.18 -2.46
CA LEU B 49 -37.57 16.22 -1.54
C LEU B 49 -37.90 17.03 -0.28
N ILE B 50 -37.89 16.37 0.89
CA ILE B 50 -38.25 17.00 2.16
C ILE B 50 -37.11 16.96 3.16
N VAL B 51 -36.71 18.12 3.67
CA VAL B 51 -35.70 18.21 4.74
C VAL B 51 -36.41 18.52 6.08
N THR B 52 -36.11 17.75 7.12
CA THR B 52 -36.66 18.00 8.46
C THR B 52 -35.55 18.32 9.45
N PRO B 53 -35.53 19.54 10.01
CA PRO B 53 -36.38 20.71 9.76
C PRO B 53 -36.02 21.33 8.43
N PRO B 54 -36.82 22.30 7.93
CA PRO B 54 -36.46 22.81 6.60
C PRO B 54 -35.08 23.48 6.62
N ILE B 55 -34.16 22.94 5.84
CA ILE B 55 -32.86 23.61 5.64
C ILE B 55 -32.76 23.97 4.17
N GLU B 56 -32.27 25.18 3.90
CA GLU B 56 -32.03 25.68 2.55
C GLU B 56 -31.19 24.67 1.77
N ILE B 57 -31.61 24.35 0.56
CA ILE B 57 -30.96 23.31 -0.23
C ILE B 57 -30.84 23.72 -1.70
N GLU B 58 -29.72 23.41 -2.34
CA GLU B 58 -29.49 23.77 -3.74
C GLU B 58 -29.07 22.54 -4.55
N GLU B 59 -29.68 22.38 -5.72
CA GLU B 59 -29.29 21.32 -6.67
C GLU B 59 -28.29 21.86 -7.68
N PHE B 60 -27.26 21.08 -7.98
CA PHE B 60 -26.30 21.43 -9.04
C PHE B 60 -25.77 20.17 -9.72
N SER B 61 -25.11 20.34 -10.86
CA SER B 61 -24.44 19.23 -11.53
C SER B 61 -23.06 19.68 -11.96
N TYR B 62 -22.17 18.72 -12.19
CA TYR B 62 -20.90 19.03 -12.86
C TYR B 62 -21.21 19.35 -14.33
N ASN B 63 -20.22 19.88 -15.05
CA ASN B 63 -20.34 20.11 -16.49
C ASN B 63 -20.77 18.85 -17.25
N SER B 64 -20.29 17.69 -16.81
CA SER B 64 -20.60 16.39 -17.44
C SER B 64 -22.08 16.04 -17.39
N GLY B 65 -22.75 16.45 -16.32
CA GLY B 65 -24.18 16.30 -16.18
C GLY B 65 -24.71 14.90 -15.91
N THR B 66 -23.87 14.00 -15.37
CA THR B 66 -24.33 12.63 -15.18
C THR B 66 -24.69 12.33 -13.70
N SER B 67 -25.03 13.37 -12.95
CA SER B 67 -25.54 13.23 -11.59
C SER B 67 -26.18 14.53 -11.17
N ARG B 68 -27.14 14.43 -10.26
CA ARG B 68 -27.83 15.58 -9.71
C ARG B 68 -27.43 15.65 -8.27
N PHE B 69 -26.64 16.66 -7.93
CA PHE B 69 -26.20 16.84 -6.56
C PHE B 69 -27.09 17.84 -5.83
N VAL B 70 -27.25 17.68 -4.52
CA VAL B 70 -27.92 18.71 -3.72
C VAL B 70 -27.05 19.02 -2.52
N ARG B 71 -26.94 20.28 -2.17
CA ARG B 71 -26.10 20.64 -1.05
C ARG B 71 -26.79 21.57 -0.06
N LEU B 72 -26.41 21.41 1.21
CA LEU B 72 -26.94 22.18 2.31
C LEU B 72 -25.88 22.25 3.39
N LYS B 73 -26.01 23.23 4.28
CA LYS B 73 -25.13 23.30 5.43
C LYS B 73 -25.95 23.13 6.72
N ALA B 74 -25.33 22.53 7.73
CA ALA B 74 -25.99 22.24 8.98
C ALA B 74 -25.16 22.73 10.15
N THR B 75 -25.81 23.30 11.16
CA THR B 75 -25.09 23.85 12.32
C THR B 75 -24.71 22.77 13.35
N GLU B 76 -23.67 23.04 14.13
CA GLU B 76 -23.14 22.07 15.11
C GLU B 76 -24.19 21.68 16.15
N ASN B 77 -24.08 20.44 16.63
CA ASN B 77 -24.97 19.88 17.65
C ASN B 77 -26.44 19.99 17.30
N THR B 78 -26.78 19.58 16.08
CA THR B 78 -28.16 19.47 15.63
C THR B 78 -28.35 18.15 14.89
N THR B 79 -29.60 17.81 14.61
CA THR B 79 -29.87 16.67 13.75
C THR B 79 -30.79 17.13 12.63
N PHE B 80 -30.76 16.43 11.50
CA PHE B 80 -31.74 16.68 10.43
C PHE B 80 -32.01 15.39 9.68
N SER B 81 -33.15 15.33 9.01
CA SER B 81 -33.51 14.20 8.13
C SER B 81 -33.83 14.72 6.74
N SER B 83 -35.68 13.33 3.10
CA SER B 83 -36.49 12.29 2.50
C SER B 83 -36.69 12.57 1.02
N TYR B 84 -36.43 11.57 0.17
CA TYR B 84 -36.61 11.69 -1.28
C TYR B 84 -37.54 10.60 -1.78
N THR B 85 -38.54 11.00 -2.57
CA THR B 85 -39.50 10.07 -3.15
C THR B 85 -39.75 10.41 -4.62
N ALA B 86 -39.86 9.40 -5.48
CA ALA B 86 -40.11 9.65 -6.90
C ALA B 86 -40.79 8.50 -7.60
N THR B 87 -41.45 8.84 -8.71
CA THR B 87 -42.02 7.88 -9.61
C THR B 87 -41.27 8.06 -10.91
N VAL B 88 -40.78 6.96 -11.48
CA VAL B 88 -39.81 7.03 -12.57
C VAL B 88 -40.07 5.94 -13.59
N ASP B 89 -39.90 6.26 -14.86
CA ASP B 89 -39.90 5.24 -15.88
C ASP B 89 -38.50 5.12 -16.47
N THR B 90 -38.12 3.89 -16.79
CA THR B 90 -36.86 3.63 -17.46
C THR B 90 -37.16 2.86 -18.73
N GLN B 91 -36.22 2.86 -19.66
CA GLN B 91 -36.28 1.91 -20.78
C GLN B 91 -34.88 1.36 -21.06
N TYR B 92 -34.84 0.14 -21.58
CA TYR B 92 -33.56 -0.46 -21.93
C TYR B 92 -33.63 -1.24 -23.22
N LYS B 93 -32.46 -1.44 -23.81
CA LYS B 93 -32.30 -2.27 -24.99
C LYS B 93 -31.53 -3.51 -24.58
N VAL B 94 -31.80 -4.63 -25.25
CA VAL B 94 -30.96 -5.80 -25.11
C VAL B 94 -30.29 -5.98 -26.46
N ILE B 95 -28.98 -5.87 -26.49
CA ILE B 95 -28.24 -5.75 -27.72
C ILE B 95 -27.42 -7.00 -27.92
N ASP B 96 -27.60 -7.67 -29.06
CA ASP B 96 -26.81 -8.85 -29.34
C ASP B 96 -25.34 -8.50 -29.48
N GLN B 97 -24.48 -9.35 -28.93
CA GLN B 97 -23.04 -9.12 -28.85
C GLN B 97 -22.29 -10.16 -29.66
N ARG B 98 -23.01 -11.06 -30.34
CA ARG B 98 -22.39 -12.19 -31.05
C ARG B 98 -21.27 -11.75 -32.01
N GLN B 99 -21.46 -10.60 -32.66
CA GLN B 99 -20.41 -10.03 -33.52
C GLN B 99 -19.48 -9.09 -32.75
N GLU B 100 -19.06 -9.51 -31.55
CA GLU B 100 -18.18 -8.64 -30.73
C GLU B 100 -16.75 -8.52 -31.28
N LEU B 101 -16.23 -7.29 -31.23
CA LEU B 101 -14.88 -6.98 -31.74
C LEU B 101 -13.81 -7.71 -30.92
N GLU B 102 -12.63 -7.87 -31.49
CA GLU B 102 -11.50 -8.42 -30.74
C GLU B 102 -10.99 -7.40 -29.70
N THR B 103 -11.05 -6.11 -30.05
CA THR B 103 -10.69 -5.01 -29.13
C THR B 103 -11.58 -3.76 -29.30
N VAL B 104 -11.48 -2.82 -28.37
CA VAL B 104 -12.17 -1.51 -28.49
C VAL B 104 -11.32 -0.56 -29.37
N PRO B 105 -11.92 0.02 -30.43
CA PRO B 105 -11.16 0.87 -31.39
C PRO B 105 -10.88 2.28 -30.83
N VAL B 106 -9.84 2.40 -30.00
CA VAL B 106 -9.56 3.64 -29.27
C VAL B 106 -9.48 4.86 -30.17
N VAL B 107 -8.84 4.72 -31.33
CA VAL B 107 -8.67 5.83 -32.23
C VAL B 107 -10.02 6.43 -32.68
N ASP B 108 -11.09 5.66 -32.58
CA ASP B 108 -12.40 6.04 -33.12
C ASP B 108 -13.46 6.40 -32.07
N LEU B 109 -13.14 6.21 -30.78
CA LEU B 109 -14.08 6.53 -29.70
C LEU B 109 -14.41 8.01 -29.64
N ASP B 110 -15.67 8.33 -29.35
CA ASP B 110 -16.06 9.71 -29.06
C ASP B 110 -15.19 10.23 -27.92
N GLY B 111 -14.81 11.50 -28.00
CA GLY B 111 -13.95 12.13 -27.01
C GLY B 111 -14.47 12.00 -25.59
N ASP B 112 -15.80 12.03 -25.43
CA ASP B 112 -16.36 11.86 -24.08
C ASP B 112 -16.28 10.44 -23.48
N ILE B 113 -15.88 9.46 -24.29
CA ILE B 113 -15.65 8.08 -23.80
C ILE B 113 -14.22 7.90 -23.29
N ILE B 114 -13.29 8.61 -23.92
CA ILE B 114 -11.86 8.42 -23.64
C ILE B 114 -11.48 8.46 -22.16
N PRO B 115 -12.03 9.42 -21.38
CA PRO B 115 -11.64 9.49 -19.96
C PRO B 115 -11.84 8.18 -19.19
N PHE B 116 -12.77 7.34 -19.65
CA PHE B 116 -13.11 6.13 -18.93
C PHE B 116 -12.16 4.97 -19.24
N LEU B 117 -11.10 5.26 -19.99
CA LEU B 117 -10.00 4.32 -20.16
C LEU B 117 -8.91 4.51 -19.09
N PHE B 118 -8.97 5.61 -18.35
CA PHE B 118 -7.87 6.01 -17.46
C PHE B 118 -8.08 5.64 -16.00
N PRO B 119 -6.99 5.43 -15.27
CA PRO B 119 -7.13 5.08 -13.85
C PRO B 119 -7.80 6.22 -13.10
N SER B 120 -8.49 5.90 -12.01
CA SER B 120 -9.11 6.90 -11.16
C SER B 120 -8.78 6.58 -9.69
N ARG B 121 -9.24 7.40 -8.74
CA ARG B 121 -8.89 7.18 -7.32
C ARG B 121 -9.05 5.73 -6.83
N TYR B 122 -10.21 5.13 -7.06
CA TYR B 122 -10.51 3.80 -6.55
C TYR B 122 -10.32 2.69 -7.58
N CYS B 123 -9.81 3.03 -8.76
CA CYS B 123 -9.68 2.05 -9.86
C CYS B 123 -8.30 2.21 -10.48
N GLN B 124 -7.29 1.62 -9.82
CA GLN B 124 -5.87 1.77 -10.22
C GLN B 124 -5.52 0.77 -11.31
N SER B 125 -6.11 1.00 -12.47
CA SER B 125 -6.03 0.07 -13.58
C SER B 125 -4.61 -0.03 -14.07
N ASP B 126 -3.85 1.05 -13.89
CA ASP B 126 -2.45 1.05 -14.30
C ASP B 126 -1.59 0.11 -13.43
N LYS B 127 -2.03 -0.25 -12.23
CA LYS B 127 -1.27 -1.19 -11.39
C LYS B 127 -1.69 -2.64 -11.61
N LEU B 128 -2.68 -2.83 -12.46
CA LEU B 128 -3.30 -4.15 -12.63
C LEU B 128 -3.21 -4.70 -14.06
N GLN B 129 -2.39 -4.07 -14.91
CA GLN B 129 -2.31 -4.51 -16.32
C GLN B 129 -1.79 -5.95 -16.50
N LYS B 130 -0.69 -6.30 -15.82
CA LYS B 130 -0.14 -7.66 -15.97
C LYS B 130 -1.09 -8.69 -15.46
N LEU B 131 -1.64 -8.40 -14.27
CA LEU B 131 -2.61 -9.30 -13.64
C LEU B 131 -3.83 -9.53 -14.53
N ALA B 132 -4.40 -8.45 -15.06
CA ALA B 132 -5.60 -8.57 -15.90
C ALA B 132 -5.33 -9.32 -17.18
N TYR B 133 -4.17 -9.07 -17.79
CA TYR B 133 -3.79 -9.78 -19.00
C TYR B 133 -3.61 -11.27 -18.69
N LYS B 134 -2.94 -11.57 -17.57
CA LYS B 134 -2.69 -12.95 -17.15
C LYS B 134 -3.99 -13.71 -16.96
N GLU B 135 -4.93 -13.06 -16.28
CA GLU B 135 -6.17 -13.70 -15.89
C GLU B 135 -7.17 -13.76 -17.04
N PHE B 136 -7.24 -12.71 -17.87
CA PHE B 136 -8.31 -12.59 -18.87
C PHE B 136 -7.83 -12.39 -20.31
N GLY B 137 -6.54 -12.23 -20.52
CA GLY B 137 -6.00 -11.86 -21.83
C GLY B 137 -6.34 -12.75 -23.01
N LYS B 138 -6.62 -14.02 -22.77
CA LYS B 138 -6.85 -14.99 -23.85
C LYS B 138 -8.26 -14.94 -24.45
N ILE B 139 -9.23 -14.38 -23.72
CA ILE B 139 -10.62 -14.30 -24.20
C ILE B 139 -10.75 -13.37 -25.42
N GLU B 140 -11.44 -13.85 -26.45
CA GLU B 140 -11.34 -13.30 -27.82
C GLU B 140 -12.32 -12.19 -28.22
N ASN B 141 -13.43 -12.05 -27.51
CA ASN B 141 -14.32 -10.92 -27.77
C ASN B 141 -14.63 -10.09 -26.53
N VAL B 142 -14.71 -8.78 -26.75
CA VAL B 142 -14.83 -7.80 -25.68
C VAL B 142 -15.96 -8.11 -24.70
N TYR B 143 -17.15 -8.40 -25.20
CA TYR B 143 -18.27 -8.68 -24.30
C TYR B 143 -17.92 -9.86 -23.41
N SER B 144 -17.45 -10.95 -24.03
CA SER B 144 -17.08 -12.14 -23.26
C SER B 144 -15.98 -11.85 -22.24
N LYS B 145 -15.06 -10.96 -22.62
CA LYS B 145 -14.04 -10.56 -21.70
C LYS B 145 -14.61 -9.88 -20.44
N VAL B 146 -15.54 -8.93 -20.63
CA VAL B 146 -16.13 -8.23 -19.48
C VAL B 146 -17.00 -9.17 -18.64
N LEU B 147 -17.70 -10.07 -19.32
CA LEU B 147 -18.51 -11.01 -18.60
C LEU B 147 -17.63 -11.95 -17.77
N ALA B 148 -16.49 -12.36 -18.32
CA ALA B 148 -15.56 -13.20 -17.56
C ALA B 148 -14.98 -12.47 -16.34
N ILE B 149 -14.76 -11.18 -16.50
CA ILE B 149 -14.29 -10.34 -15.39
C ILE B 149 -15.34 -10.37 -14.29
N THR B 150 -16.60 -10.17 -14.70
CA THR B 150 -17.73 -10.05 -13.80
C THR B 150 -17.93 -11.37 -13.07
N ASP B 151 -17.83 -12.47 -13.81
CA ASP B 151 -17.99 -13.79 -13.20
C ASP B 151 -16.80 -14.13 -12.28
N TRP B 152 -15.58 -13.79 -12.70
CA TRP B 152 -14.43 -14.01 -11.83
C TRP B 152 -14.62 -13.30 -10.47
N ILE B 153 -15.05 -12.04 -10.50
CA ILE B 153 -15.25 -11.28 -9.27
C ILE B 153 -16.31 -11.96 -8.39
N TYR B 154 -17.42 -12.35 -9.00
CA TYR B 154 -18.48 -13.00 -8.22
C TYR B 154 -17.96 -14.26 -7.51
N ASN B 155 -17.16 -15.02 -8.25
CA ASN B 155 -16.65 -16.31 -7.78
C ASN B 155 -15.44 -16.22 -6.85
N ASN B 156 -14.76 -15.07 -6.81
CA ASN B 156 -13.50 -15.00 -6.10
C ASN B 156 -13.40 -13.90 -5.06
N VAL B 157 -14.48 -13.13 -4.89
CA VAL B 157 -14.56 -12.06 -3.91
C VAL B 157 -15.84 -12.29 -3.11
N GLU B 158 -15.71 -12.34 -1.79
CA GLU B 158 -16.85 -12.60 -0.91
C GLU B 158 -17.63 -11.34 -0.67
N TYR B 159 -18.96 -11.42 -0.68
CA TYR B 159 -19.74 -10.27 -0.34
C TYR B 159 -19.89 -10.22 1.19
N ILE B 160 -19.29 -9.22 1.83
CA ILE B 160 -19.32 -9.13 3.30
C ILE B 160 -19.57 -7.71 3.76
N SER B 161 -20.74 -7.45 4.36
CA SER B 161 -21.08 -6.17 4.98
C SER B 161 -20.03 -5.75 5.99
N GLY B 162 -19.62 -4.49 5.95
CA GLY B 162 -18.71 -3.92 6.95
C GLY B 162 -17.25 -4.29 6.83
N SER B 163 -16.87 -4.99 5.75
CA SER B 163 -15.50 -5.43 5.57
C SER B 163 -14.60 -4.35 4.96
N THR B 164 -15.20 -3.29 4.42
CA THR B 164 -14.46 -2.21 3.74
C THR B 164 -14.92 -0.83 4.22
N ASN B 165 -14.29 0.23 3.70
CA ASN B 165 -14.66 1.60 4.03
C ASN B 165 -14.50 2.49 2.79
N SER B 166 -14.67 3.80 2.96
CA SER B 166 -14.66 4.68 1.79
C SER B 166 -13.28 4.79 1.16
N GLN B 167 -12.23 4.42 1.90
CA GLN B 167 -10.86 4.48 1.37
C GLN B 167 -10.49 3.29 0.50
N THR B 168 -11.24 2.19 0.63
CA THR B 168 -10.96 0.96 -0.09
C THR B 168 -11.08 1.12 -1.60
N SER B 169 -10.15 0.51 -2.33
CA SER B 169 -10.09 0.65 -3.79
C SER B 169 -10.00 -0.71 -4.44
N ALA B 170 -10.08 -0.74 -5.76
CA ALA B 170 -9.89 -1.96 -6.51
C ALA B 170 -8.57 -2.65 -6.16
N PHE B 171 -7.50 -1.86 -5.99
CA PHE B 171 -6.18 -2.44 -5.69
C PHE B 171 -6.20 -3.19 -4.35
N ASP B 172 -7.02 -2.74 -3.41
CA ASP B 172 -7.18 -3.43 -2.14
C ASP B 172 -8.01 -4.69 -2.30
N THR B 173 -9.13 -4.58 -3.02
CA THR B 173 -10.10 -5.68 -3.10
C THR B 173 -9.48 -6.88 -3.82
N ILE B 174 -8.56 -6.61 -4.75
CA ILE B 174 -7.98 -7.69 -5.53
C ILE B 174 -7.20 -8.70 -4.63
N THR B 175 -6.69 -8.22 -3.48
CA THR B 175 -6.03 -9.10 -2.51
C THR B 175 -6.89 -9.38 -1.30
N GLU B 176 -7.74 -8.42 -0.91
CA GLU B 176 -8.59 -8.58 0.30
C GLU B 176 -9.67 -9.63 0.04
N ARG B 177 -10.22 -9.62 -1.18
CA ARG B 177 -11.24 -10.59 -1.63
C ARG B 177 -12.53 -10.55 -0.81
N ALA B 178 -12.85 -9.37 -0.27
CA ALA B 178 -14.11 -9.16 0.40
C ALA B 178 -14.55 -7.70 0.22
N GLY B 179 -15.85 -7.48 0.08
CA GLY B 179 -16.34 -6.12 -0.06
C GLY B 179 -17.84 -6.11 -0.22
N VAL B 180 -18.37 -4.95 -0.57
CA VAL B 180 -19.80 -4.76 -0.82
C VAL B 180 -19.91 -4.18 -2.23
N CYS B 181 -21.10 -3.76 -2.65
CA CYS B 181 -21.27 -3.44 -4.07
C CYS B 181 -20.28 -2.39 -4.60
N ARG B 182 -20.00 -1.34 -3.82
CA ARG B 182 -19.05 -0.30 -4.26
C ARG B 182 -17.69 -0.90 -4.68
N ASP B 183 -17.25 -1.87 -3.89
CA ASP B 183 -15.98 -2.53 -4.12
C ASP B 183 -16.00 -3.45 -5.33
N PHE B 184 -17.10 -4.19 -5.51
CA PHE B 184 -17.25 -5.06 -6.68
C PHE B 184 -17.28 -4.23 -7.97
N ALA B 185 -17.95 -3.07 -7.90
CA ALA B 185 -18.01 -2.18 -9.07
C ALA B 185 -16.63 -1.62 -9.39
N HIS B 186 -15.93 -1.14 -8.37
CA HIS B 186 -14.61 -0.53 -8.61
C HIS B 186 -13.68 -1.56 -9.20
N LEU B 187 -13.76 -2.81 -8.71
CA LEU B 187 -12.87 -3.84 -9.22
C LEU B 187 -13.16 -4.25 -10.68
N GLY B 188 -14.42 -4.37 -11.05
CA GLY B 188 -14.79 -4.63 -12.45
C GLY B 188 -14.29 -3.51 -13.35
N ILE B 189 -14.46 -2.26 -12.91
CA ILE B 189 -14.02 -1.10 -13.69
C ILE B 189 -12.51 -1.14 -13.88
N ALA B 190 -11.79 -1.38 -12.78
CA ALA B 190 -10.33 -1.38 -12.87
C ALA B 190 -9.83 -2.45 -13.82
N LEU B 191 -10.40 -3.65 -13.73
CA LEU B 191 -9.96 -4.75 -14.59
C LEU B 191 -10.32 -4.50 -16.06
N CYS B 192 -11.48 -3.91 -16.32
CA CYS B 192 -11.82 -3.51 -17.70
C CYS B 192 -10.83 -2.50 -18.26
N ARG B 193 -10.60 -1.41 -17.53
CA ARG B 193 -9.67 -0.40 -18.01
C ARG B 193 -8.27 -0.98 -18.21
N ALA B 194 -7.90 -1.92 -17.35
CA ALA B 194 -6.55 -2.53 -17.44
C ALA B 194 -6.38 -3.24 -18.78
N LEU B 195 -7.51 -3.67 -19.36
CA LEU B 195 -7.55 -4.35 -20.67
C LEU B 195 -7.95 -3.42 -21.82
N SER B 196 -7.86 -2.11 -21.59
CA SER B 196 -8.21 -1.08 -22.60
C SER B 196 -9.69 -1.12 -23.01
N ILE B 197 -10.57 -1.38 -22.05
CA ILE B 197 -12.00 -1.34 -22.31
C ILE B 197 -12.56 -0.18 -21.46
N PRO B 198 -13.22 0.81 -22.08
CA PRO B 198 -13.70 1.90 -21.24
C PRO B 198 -14.75 1.41 -20.26
N ALA B 199 -14.72 1.90 -19.02
CA ALA B 199 -15.71 1.45 -18.02
C ALA B 199 -16.01 2.58 -17.06
N ARG B 200 -17.24 2.60 -16.54
CA ARG B 200 -17.60 3.66 -15.63
C ARG B 200 -18.46 3.12 -14.47
N TYR B 201 -18.53 3.90 -13.42
CA TYR B 201 -19.26 3.55 -12.22
C TYR B 201 -20.73 3.94 -12.35
N PHE B 202 -21.62 3.08 -11.87
CA PHE B 202 -23.08 3.29 -11.95
C PHE B 202 -23.67 3.15 -10.56
N THR B 203 -24.45 4.13 -10.11
CA THR B 203 -25.21 4.00 -8.85
C THR B 203 -26.69 4.07 -9.14
N GLY B 204 -27.49 3.38 -8.34
CA GLY B 204 -28.92 3.44 -8.55
C GLY B 204 -29.75 2.89 -7.42
N TYR B 205 -31.06 3.10 -7.56
CA TYR B 205 -32.05 2.34 -6.79
C TYR B 205 -32.22 0.96 -7.46
N ALA B 206 -32.47 -0.09 -6.68
CA ALA B 206 -32.49 -1.44 -7.26
C ALA B 206 -33.70 -2.24 -6.78
N PHE B 207 -34.62 -2.51 -7.71
CA PHE B 207 -35.78 -3.36 -7.44
C PHE B 207 -35.32 -4.75 -7.02
N LYS B 208 -35.93 -5.28 -5.96
CA LYS B 208 -35.69 -6.64 -5.49
C LYS B 208 -34.33 -6.84 -4.80
N LEU B 209 -33.58 -5.76 -4.61
CA LEU B 209 -32.41 -5.79 -3.74
C LEU B 209 -32.82 -6.04 -2.29
N ASN B 210 -32.25 -7.08 -1.71
CA ASN B 210 -32.48 -7.48 -0.33
C ASN B 210 -31.11 -7.69 0.35
N PRO B 211 -30.85 -7.02 1.51
CA PRO B 211 -31.67 -5.98 2.16
C PRO B 211 -31.66 -4.71 1.30
N PRO B 212 -32.76 -3.93 1.31
CA PRO B 212 -32.85 -2.74 0.45
C PRO B 212 -31.80 -1.68 0.78
N ASP B 213 -31.22 -1.08 -0.25
CA ASP B 213 -30.09 -0.15 -0.08
C ASP B 213 -29.83 0.54 -1.43
N PHE B 214 -28.96 1.54 -1.44
CA PHE B 214 -28.45 2.09 -2.71
C PHE B 214 -27.57 1.02 -3.31
N HIS B 215 -27.45 1.00 -4.63
CA HIS B 215 -26.71 -0.06 -5.25
C HIS B 215 -25.66 0.54 -6.15
N ALA B 216 -24.55 -0.16 -6.33
CA ALA B 216 -23.50 0.28 -7.24
C ALA B 216 -23.07 -0.87 -8.14
N CYS B 217 -22.89 -0.59 -9.43
CA CYS B 217 -22.29 -1.55 -10.34
C CYS B 217 -21.52 -0.79 -11.41
N PHE B 218 -21.33 -1.40 -12.57
CA PHE B 218 -20.53 -0.72 -13.58
C PHE B 218 -21.03 -0.96 -14.99
N GLU B 219 -20.57 -0.13 -15.93
CA GLU B 219 -20.93 -0.26 -17.32
C GLU B 219 -19.65 -0.23 -18.13
N ALA B 220 -19.58 -1.07 -19.15
CA ALA B 220 -18.43 -1.09 -20.06
C ALA B 220 -18.90 -0.64 -21.42
N TYR B 221 -18.04 0.06 -22.14
CA TYR B 221 -18.42 0.56 -23.45
C TYR B 221 -18.00 -0.44 -24.49
N ILE B 222 -18.99 -1.12 -25.06
CA ILE B 222 -18.75 -2.26 -25.93
C ILE B 222 -19.60 -2.09 -27.19
N GLY B 223 -18.93 -2.03 -28.32
CA GLY B 223 -19.62 -1.90 -29.62
C GLY B 223 -20.49 -0.66 -29.68
N GLY B 224 -20.04 0.43 -29.06
CA GLY B 224 -20.75 1.70 -29.17
C GLY B 224 -21.86 1.92 -28.14
N ASN B 225 -21.99 0.99 -27.20
CA ASN B 225 -23.02 1.08 -26.18
C ASN B 225 -22.44 0.85 -24.80
N TRP B 226 -22.96 1.56 -23.81
CA TRP B 226 -22.63 1.27 -22.41
C TRP B 226 -23.46 0.06 -21.96
N ILE B 227 -22.78 -1.04 -21.65
CA ILE B 227 -23.45 -2.27 -21.28
C ILE B 227 -23.27 -2.44 -19.78
N ILE B 228 -24.36 -2.69 -19.07
CA ILE B 228 -24.33 -2.81 -17.62
C ILE B 228 -23.93 -4.19 -17.11
N PHE B 229 -23.16 -4.23 -16.02
CA PHE B 229 -22.68 -5.48 -15.42
C PHE B 229 -22.71 -5.34 -13.91
N ASP B 230 -22.94 -6.43 -13.19
CA ASP B 230 -22.98 -6.36 -11.74
C ASP B 230 -22.45 -7.65 -11.16
N ALA B 231 -21.19 -7.61 -10.73
CA ALA B 231 -20.52 -8.80 -10.23
C ALA B 231 -21.06 -9.30 -8.90
N THR B 232 -21.90 -8.52 -8.21
CA THR B 232 -22.50 -9.04 -6.96
C THR B 232 -23.59 -10.07 -7.25
N ARG B 233 -24.17 -9.99 -8.44
CA ARG B 233 -25.35 -10.77 -8.84
C ARG B 233 -26.56 -10.59 -7.90
N LEU B 234 -26.64 -9.47 -7.19
CA LEU B 234 -27.72 -9.30 -6.21
C LEU B 234 -29.06 -8.89 -6.80
N VAL B 235 -29.05 -8.23 -7.97
CA VAL B 235 -30.27 -7.62 -8.48
C VAL B 235 -30.53 -7.93 -9.95
N PRO B 236 -31.82 -8.03 -10.35
CA PRO B 236 -32.10 -8.11 -11.78
C PRO B 236 -31.67 -6.81 -12.46
N LEU B 237 -30.94 -6.92 -13.58
CA LEU B 237 -30.33 -5.74 -14.16
C LEU B 237 -31.37 -4.76 -14.66
N ASN B 238 -32.55 -5.26 -15.05
CA ASN B 238 -33.60 -4.39 -15.54
C ASN B 238 -34.42 -3.75 -14.44
N GLY B 239 -34.08 -4.04 -13.19
CA GLY B 239 -34.73 -3.40 -12.04
C GLY B 239 -34.03 -2.15 -11.50
N LEU B 240 -33.03 -1.65 -12.22
CA LEU B 240 -32.24 -0.50 -11.77
C LEU B 240 -32.78 0.86 -12.22
N VAL B 241 -32.80 1.80 -11.30
CA VAL B 241 -33.13 3.17 -11.62
C VAL B 241 -31.87 4.00 -11.36
N LYS B 242 -31.40 4.69 -12.41
CA LYS B 242 -30.09 5.34 -12.37
C LYS B 242 -30.09 6.60 -11.54
N ILE B 243 -29.10 6.70 -10.67
CA ILE B 243 -28.83 7.93 -9.95
C ILE B 243 -27.67 8.65 -10.61
N ALA B 244 -26.51 7.99 -10.69
CA ALA B 244 -25.37 8.61 -11.35
C ALA B 244 -24.48 7.63 -12.09
N THR B 245 -23.67 8.19 -12.98
CA THR B 245 -22.48 7.51 -13.48
C THR B 245 -21.27 8.45 -13.32
N GLY B 246 -20.07 7.88 -13.24
CA GLY B 246 -18.86 8.69 -13.24
C GLY B 246 -17.68 7.75 -13.29
N ARG B 247 -16.49 8.28 -13.08
CA ARG B 247 -15.28 7.47 -13.17
C ARG B 247 -15.24 6.43 -12.06
N ASP B 248 -15.65 6.81 -10.86
CA ASP B 248 -15.72 5.92 -9.71
C ASP B 248 -16.49 6.64 -8.63
N ALA B 249 -16.50 6.09 -7.42
CA ALA B 249 -17.33 6.65 -6.33
C ALA B 249 -16.94 8.08 -5.93
N ALA B 250 -15.73 8.54 -6.27
CA ALA B 250 -15.37 9.92 -5.97
C ALA B 250 -16.33 10.89 -6.69
N ASP B 251 -16.88 10.44 -7.81
CA ASP B 251 -17.81 11.26 -8.60
C ASP B 251 -19.28 10.96 -8.31
N ALA B 252 -19.54 10.06 -7.37
CA ALA B 252 -20.93 9.63 -7.14
C ALA B 252 -21.17 9.14 -5.72
N ALA B 253 -20.64 9.86 -4.74
CA ALA B 253 -20.87 9.47 -3.34
C ALA B 253 -22.31 9.72 -2.95
N VAL B 254 -22.86 8.89 -2.06
CA VAL B 254 -24.20 9.12 -1.54
C VAL B 254 -24.20 10.44 -0.80
N ALA B 255 -23.18 10.62 0.04
CA ALA B 255 -23.06 11.81 0.85
C ALA B 255 -21.59 12.18 0.99
N SER B 256 -21.23 13.37 0.54
CA SER B 256 -19.91 13.92 0.81
C SER B 256 -20.04 14.89 1.97
N ILE B 257 -19.28 14.64 3.03
CA ILE B 257 -19.44 15.36 4.28
C ILE B 257 -18.21 16.20 4.59
N PHE B 258 -18.42 17.51 4.54
CA PHE B 258 -17.37 18.51 4.84
C PHE B 258 -17.58 19.07 6.22
N GLY B 259 -16.98 18.41 7.21
CA GLY B 259 -17.17 18.75 8.62
C GLY B 259 -17.20 17.46 9.42
N ASN B 260 -18.09 17.39 10.40
CA ASN B 260 -18.21 16.21 11.28
C ASN B 260 -19.65 15.81 11.53
N ALA B 261 -20.07 14.72 10.91
CA ALA B 261 -21.44 14.24 11.06
C ALA B 261 -21.50 12.77 10.70
N SER B 262 -22.45 12.06 11.30
CA SER B 262 -22.67 10.66 10.98
C SER B 262 -24.16 10.36 10.87
N SER B 263 -24.49 9.38 10.03
CA SER B 263 -25.88 9.03 9.78
C SER B 263 -26.39 8.14 10.90
N THR B 264 -27.65 8.33 11.25
CA THR B 264 -28.22 7.60 12.38
C THR B 264 -29.39 6.73 11.98
N ASN B 265 -29.97 7.00 10.81
CA ASN B 265 -31.07 6.22 10.23
C ASN B 265 -30.93 6.32 8.71
N HIS B 267 -32.98 4.57 5.02
CA HIS B 267 -33.92 3.66 4.37
C HIS B 267 -33.89 3.93 2.87
N VAL B 268 -33.81 2.87 2.08
CA VAL B 268 -33.85 2.98 0.62
C VAL B 268 -34.82 1.92 0.08
N GLU B 269 -35.67 2.32 -0.86
CA GLU B 269 -36.66 1.41 -1.44
C GLU B 269 -36.89 1.67 -2.93
N CYS B 270 -37.13 0.58 -3.66
CA CYS B 270 -37.51 0.62 -5.06
C CYS B 270 -38.57 -0.46 -5.31
N ALA B 271 -39.72 -0.06 -5.87
CA ALA B 271 -40.77 -1.01 -6.21
C ALA B 271 -41.25 -0.77 -7.64
N SER B 272 -41.42 -1.88 -8.38
CA SER B 272 -41.99 -1.84 -9.72
C SER B 272 -43.48 -1.56 -9.68
N LEU B 273 -43.94 -0.67 -10.55
CA LEU B 273 -45.37 -0.39 -10.67
C LEU B 273 -46.02 -1.19 -11.80
N ASP B 274 -45.23 -2.05 -12.45
CA ASP B 274 -45.70 -2.80 -13.61
C ASP B 274 -46.50 -4.04 -13.23
N THR B 275 -47.35 -4.50 -14.14
CA THR B 275 -48.11 -5.73 -13.90
C THR B 275 -47.19 -6.97 -13.89
N ASP B 276 -46.46 -7.20 -14.98
CA ASP B 276 -45.67 -8.42 -15.14
C ASP B 276 -44.16 -8.14 -15.33
N PHE B 277 -43.51 -7.74 -14.22
CA PHE B 277 -42.06 -7.55 -14.22
C PHE B 277 -41.34 -8.88 -14.31
N THR B 278 -40.58 -9.08 -15.40
CA THR B 278 -39.81 -10.31 -15.52
C THR B 278 -38.29 -10.01 -15.47
N PRO B 279 -37.58 -10.55 -14.46
CA PRO B 279 -36.17 -10.21 -14.21
C PRO B 279 -35.24 -10.62 -15.33
N PHE B 280 -34.30 -9.75 -15.67
CA PHE B 280 -33.30 -10.04 -16.68
C PHE B 280 -31.98 -10.36 -15.99
N TRP B 281 -31.39 -11.51 -16.32
CA TRP B 281 -30.06 -11.87 -15.83
C TRP B 281 -29.22 -12.32 -17.00
N TYR B 282 -27.90 -12.11 -16.94
CA TYR B 282 -27.03 -12.69 -17.96
C TYR B 282 -26.81 -14.19 -17.69
N ASP B 283 -26.53 -14.92 -18.76
CA ASP B 283 -26.01 -16.27 -18.66
C ASP B 283 -24.79 -16.28 -19.58
N LYS B 284 -23.68 -16.86 -19.11
CA LYS B 284 -22.42 -16.87 -19.87
C LYS B 284 -22.59 -17.28 -21.34
N ASN B 285 -23.69 -17.99 -21.60
CA ASN B 285 -24.01 -18.59 -22.90
C ASN B 285 -25.04 -17.81 -23.75
N SER B 286 -25.30 -16.57 -23.36
CA SER B 286 -26.08 -15.65 -24.18
C SER B 286 -25.21 -14.45 -24.47
N LEU B 287 -24.98 -14.17 -25.74
CA LEU B 287 -24.17 -13.01 -26.11
C LEU B 287 -25.08 -11.80 -26.29
N LYS B 288 -25.65 -11.35 -25.17
CA LYS B 288 -26.59 -10.23 -25.16
C LYS B 288 -26.18 -9.24 -24.08
N GLY B 289 -26.25 -7.94 -24.39
CA GLY B 289 -25.91 -6.90 -23.43
C GLY B 289 -27.10 -6.02 -23.13
N LEU B 290 -27.35 -5.76 -21.84
CA LEU B 290 -28.39 -4.81 -21.46
C LEU B 290 -27.81 -3.39 -21.39
N SER B 291 -28.53 -2.43 -21.98
CA SER B 291 -28.07 -1.04 -22.02
C SER B 291 -29.21 -0.09 -21.73
N PHE B 292 -28.97 0.85 -20.82
CA PHE B 292 -29.95 1.88 -20.50
C PHE B 292 -29.90 3.08 -21.48
N GLN B 293 -30.84 3.06 -22.43
CA GLN B 293 -30.98 4.09 -23.47
C GLN B 293 -32.29 3.87 -24.24
N SER C 9 16.08 -41.87 -0.67
CA SER C 9 17.21 -41.42 0.21
C SER C 9 18.54 -41.47 -0.54
N ASN C 10 19.15 -40.31 -0.75
CA ASN C 10 20.43 -40.21 -1.46
C ASN C 10 21.39 -39.23 -0.85
N ALA C 11 22.68 -39.47 -1.04
CA ALA C 11 23.73 -38.59 -0.60
C ALA C 11 24.40 -37.97 -1.82
N LYS C 13 27.57 -35.11 -3.29
CA LYS C 13 28.76 -34.32 -3.02
C LYS C 13 28.82 -33.18 -4.02
N PHE C 14 29.18 -31.99 -3.54
CA PHE C 14 29.31 -30.78 -4.37
C PHE C 14 30.59 -30.01 -4.05
N LYS C 15 31.05 -29.23 -5.03
CA LYS C 15 32.07 -28.21 -4.83
C LYS C 15 31.39 -26.87 -5.11
N ILE C 16 31.41 -25.98 -4.12
CA ILE C 16 30.75 -24.70 -4.24
C ILE C 16 31.77 -23.56 -4.19
N HIS C 17 31.42 -22.45 -4.80
CA HIS C 17 32.29 -21.29 -4.80
C HIS C 17 31.51 -19.99 -5.00
N SER C 18 31.90 -18.95 -4.26
CA SER C 18 31.46 -17.59 -4.56
C SER C 18 32.61 -16.63 -4.32
N ASP C 19 32.63 -15.53 -5.04
CA ASP C 19 33.50 -14.42 -4.70
C ASP C 19 32.78 -13.14 -5.05
N ILE C 20 33.03 -12.11 -4.26
CA ILE C 20 32.38 -10.83 -4.46
C ILE C 20 33.41 -9.75 -4.24
N THR C 21 33.36 -8.72 -5.08
CA THR C 21 34.30 -7.60 -5.00
C THR C 21 33.51 -6.31 -4.75
N TYR C 22 33.99 -5.48 -3.81
CA TYR C 22 33.34 -4.22 -3.47
C TYR C 22 34.26 -3.03 -3.59
N GLN C 23 33.70 -1.93 -4.10
CA GLN C 23 34.31 -0.61 -3.97
C GLN C 23 33.65 0.09 -2.78
N VAL C 24 34.46 0.53 -1.82
CA VAL C 24 33.97 1.14 -0.58
C VAL C 24 34.10 2.67 -0.68
N SER C 26 32.74 5.10 1.81
CA SER C 26 32.95 5.70 3.13
C SER C 26 33.15 4.56 4.15
N PRO C 27 33.41 4.86 5.44
CA PRO C 27 33.63 3.75 6.37
C PRO C 27 32.40 2.84 6.40
N THR C 28 32.61 1.55 6.17
CA THR C 28 31.48 0.65 5.95
C THR C 28 31.68 -0.67 6.70
N THR C 29 30.63 -1.14 7.35
CA THR C 29 30.62 -2.48 7.92
C THR C 29 29.77 -3.42 7.07
N PHE C 30 30.25 -4.64 6.86
CA PHE C 30 29.58 -5.63 6.03
C PHE C 30 29.22 -6.82 6.87
N ILE C 31 28.02 -7.34 6.68
CA ILE C 31 27.68 -8.66 7.19
C ILE C 31 27.29 -9.55 6.02
N PHE C 32 28.08 -10.60 5.79
CA PHE C 32 27.84 -11.51 4.68
C PHE C 32 27.28 -12.84 5.11
N ASN C 33 26.55 -13.47 4.19
CA ASN C 33 26.08 -14.81 4.41
C ASN C 33 26.33 -15.65 3.15
N VAL C 34 27.50 -16.25 3.08
CA VAL C 34 27.93 -17.04 1.92
C VAL C 34 28.37 -18.47 2.28
N HIS C 35 28.61 -18.72 3.56
CA HIS C 35 29.11 -20.03 3.99
C HIS C 35 28.03 -21.09 3.88
N ALA C 36 28.43 -22.30 3.51
CA ALA C 36 27.50 -23.44 3.62
C ALA C 36 27.19 -23.70 5.07
N LEU C 37 25.96 -24.09 5.35
CA LEU C 37 25.56 -24.39 6.71
C LEU C 37 26.00 -25.81 7.10
N ARG C 38 26.39 -25.99 8.37
CA ARG C 38 26.63 -27.31 8.91
C ARG C 38 25.39 -27.81 9.64
N THR C 39 24.83 -28.92 9.17
CA THR C 39 23.65 -29.50 9.80
C THR C 39 23.90 -30.99 10.02
N GLU C 40 22.90 -31.71 10.49
CA GLU C 40 23.02 -33.15 10.74
C GLU C 40 23.09 -33.93 9.41
N SER C 41 22.49 -33.35 8.38
CA SER C 41 22.43 -33.98 7.05
C SER C 41 23.38 -33.35 6.03
N GLN C 42 23.92 -32.17 6.33
CA GLN C 42 24.85 -31.46 5.43
C GLN C 42 26.20 -31.23 6.10
N HIS C 43 27.26 -31.84 5.55
CA HIS C 43 28.59 -31.75 6.16
C HIS C 43 29.57 -31.08 5.22
N ILE C 44 30.44 -30.25 5.78
CA ILE C 44 31.45 -29.60 5.00
C ILE C 44 32.72 -30.43 5.15
N LEU C 45 33.21 -30.95 4.03
CA LEU C 45 34.44 -31.73 4.04
C LEU C 45 35.63 -30.79 4.16
N ASP C 46 35.54 -29.64 3.48
CA ASP C 46 36.63 -28.70 3.46
C ASP C 46 36.09 -27.33 3.01
N GLU C 47 36.59 -26.25 3.60
CA GLU C 47 36.22 -24.91 3.17
C GLU C 47 37.37 -23.91 3.38
N SER C 48 37.30 -22.81 2.64
CA SER C 48 38.31 -21.75 2.68
C SER C 48 37.69 -20.39 2.40
N LEU C 49 37.94 -19.42 3.27
CA LEU C 49 37.44 -18.06 3.07
C LEU C 49 38.64 -17.13 3.00
N ILE C 50 38.80 -16.40 1.89
CA ILE C 50 39.94 -15.51 1.69
C ILE C 50 39.49 -14.10 1.31
N VAL C 51 39.97 -13.09 2.04
CA VAL C 51 39.72 -11.72 1.63
C VAL C 51 41.02 -11.03 1.20
N THR C 52 40.94 -10.25 0.12
CA THR C 52 42.09 -9.52 -0.42
C THR C 52 41.69 -8.08 -0.69
N PRO C 53 42.41 -7.12 -0.08
CA PRO C 53 43.51 -7.31 0.87
C PRO C 53 43.03 -7.98 2.17
N PRO C 54 43.97 -8.53 2.97
CA PRO C 54 43.54 -9.21 4.19
C PRO C 54 42.95 -8.25 5.25
N ILE C 55 41.67 -8.43 5.53
CA ILE C 55 40.95 -7.63 6.51
C ILE C 55 40.48 -8.62 7.57
N GLU C 56 40.56 -8.22 8.84
CA GLU C 56 40.06 -9.01 9.95
C GLU C 56 38.59 -9.35 9.73
N ILE C 57 38.24 -10.62 9.91
CA ILE C 57 36.85 -11.08 9.78
C ILE C 57 36.43 -11.93 10.96
N GLU C 58 35.15 -11.83 11.34
CA GLU C 58 34.60 -12.65 12.41
C GLU C 58 33.34 -13.35 11.93
N GLU C 59 33.26 -14.65 12.17
CA GLU C 59 32.04 -15.40 11.96
C GLU C 59 31.18 -15.34 13.23
N PHE C 60 29.87 -15.19 13.03
CA PHE C 60 28.93 -15.30 14.14
C PHE C 60 27.62 -15.89 13.61
N SER C 61 26.78 -16.32 14.54
CA SER C 61 25.43 -16.76 14.20
C SER C 61 24.43 -16.13 15.18
N TYR C 62 23.17 -16.09 14.76
CA TYR C 62 22.08 -15.76 15.64
C TYR C 62 21.84 -16.94 16.60
N ASN C 63 21.06 -16.73 17.66
CA ASN C 63 20.73 -17.80 18.62
C ASN C 63 20.08 -19.01 17.94
N SER C 64 19.25 -18.75 16.93
CA SER C 64 18.60 -19.81 16.12
C SER C 64 19.60 -20.73 15.40
N GLY C 65 20.74 -20.16 15.01
CA GLY C 65 21.82 -20.93 14.42
C GLY C 65 21.54 -21.56 13.07
N THR C 66 20.73 -20.90 12.22
CA THR C 66 20.49 -21.47 10.89
C THR C 66 21.14 -20.70 9.76
N SER C 67 22.21 -19.97 10.08
CA SER C 67 23.02 -19.29 9.08
C SER C 67 24.37 -18.94 9.70
N ARG C 68 25.39 -18.89 8.86
CA ARG C 68 26.73 -18.49 9.30
C ARG C 68 27.07 -17.15 8.71
N PHE C 69 27.13 -16.11 9.54
CA PHE C 69 27.43 -14.77 9.05
C PHE C 69 28.90 -14.49 9.25
N VAL C 70 29.46 -13.69 8.37
CA VAL C 70 30.81 -13.15 8.57
C VAL C 70 30.76 -11.63 8.49
N ARG C 71 31.45 -10.97 9.39
CA ARG C 71 31.46 -9.51 9.34
C ARG C 71 32.84 -8.88 9.40
N LEU C 72 32.95 -7.73 8.75
CA LEU C 72 34.19 -6.98 8.67
C LEU C 72 33.86 -5.52 8.43
N LYS C 73 34.84 -4.64 8.65
CA LYS C 73 34.71 -3.24 8.26
C LYS C 73 35.79 -2.87 7.27
N ALA C 74 35.48 -1.91 6.41
CA ALA C 74 36.42 -1.44 5.40
C ALA C 74 36.47 0.08 5.39
N THR C 75 37.64 0.67 5.13
CA THR C 75 37.76 2.13 5.06
C THR C 75 37.43 2.68 3.67
N GLU C 76 37.17 3.98 3.60
CA GLU C 76 36.73 4.68 2.38
C GLU C 76 37.74 4.65 1.22
N ASN C 77 37.25 5.00 0.03
CA ASN C 77 38.06 4.96 -1.19
C ASN C 77 38.96 3.73 -1.20
N THR C 78 38.35 2.55 -1.10
CA THR C 78 39.09 1.28 -1.01
C THR C 78 38.32 0.18 -1.72
N THR C 79 39.01 -0.87 -2.14
CA THR C 79 38.33 -2.02 -2.76
C THR C 79 38.79 -3.32 -2.11
N PHE C 80 37.91 -4.32 -2.05
CA PHE C 80 38.30 -5.63 -1.56
C PHE C 80 37.47 -6.71 -2.18
N SER C 81 37.98 -7.93 -2.06
CA SER C 81 37.31 -9.11 -2.58
C SER C 81 37.29 -10.18 -1.53
N SER C 83 36.46 -14.38 -1.18
CA SER C 83 36.32 -15.62 -1.94
C SER C 83 36.05 -16.79 -0.99
N TYR C 84 34.99 -17.54 -1.27
CA TYR C 84 34.64 -18.70 -0.45
C TYR C 84 34.61 -19.93 -1.35
N THR C 85 35.20 -21.03 -0.89
CA THR C 85 35.25 -22.29 -1.64
C THR C 85 35.08 -23.41 -0.67
N ALA C 86 34.27 -24.40 -1.02
CA ALA C 86 34.03 -25.52 -0.10
C ALA C 86 33.64 -26.80 -0.83
N THR C 87 33.91 -27.93 -0.18
CA THR C 87 33.40 -29.21 -0.62
C THR C 87 32.39 -29.69 0.41
N VAL C 88 31.21 -30.07 -0.06
CA VAL C 88 30.07 -30.32 0.83
C VAL C 88 29.33 -31.60 0.45
N ASP C 89 28.94 -32.34 1.47
CA ASP C 89 28.10 -33.51 1.31
C ASP C 89 26.70 -33.17 1.81
N THR C 90 25.70 -33.43 0.97
CA THR C 90 24.31 -33.27 1.38
C THR C 90 23.58 -34.60 1.33
N GLN C 91 22.52 -34.73 2.11
CA GLN C 91 21.59 -35.80 1.82
C GLN C 91 20.14 -35.41 1.97
N TYR C 92 19.31 -36.15 1.27
CA TYR C 92 17.89 -35.88 1.26
C TYR C 92 17.11 -37.17 1.27
N LYS C 93 15.86 -37.05 1.65
CA LYS C 93 14.91 -38.13 1.63
C LYS C 93 13.73 -37.74 0.73
N VAL C 94 13.21 -38.73 0.02
CA VAL C 94 12.00 -38.51 -0.73
C VAL C 94 10.91 -39.19 0.08
N ILE C 95 9.92 -38.41 0.47
CA ILE C 95 8.94 -38.88 1.44
C ILE C 95 7.58 -38.90 0.82
N ASP C 96 6.90 -40.03 0.95
CA ASP C 96 5.57 -40.20 0.41
C ASP C 96 4.59 -39.28 1.13
N GLN C 97 3.76 -38.60 0.36
CA GLN C 97 2.88 -37.55 0.87
C GLN C 97 1.41 -37.94 0.78
N ARG C 98 1.17 -39.17 0.32
CA ARG C 98 -0.19 -39.68 0.08
C ARG C 98 -1.15 -39.47 1.25
N GLN C 99 -0.68 -39.72 2.47
CA GLN C 99 -1.55 -39.62 3.66
C GLN C 99 -1.49 -38.25 4.37
N GLU C 100 -1.00 -37.23 3.66
CA GLU C 100 -0.87 -35.88 4.24
C GLU C 100 -2.14 -35.07 4.06
N LEU C 101 -3.20 -35.49 4.74
CA LEU C 101 -4.54 -34.95 4.51
C LEU C 101 -4.93 -33.85 5.48
N GLU C 102 -4.18 -33.73 6.58
CA GLU C 102 -4.36 -32.64 7.53
C GLU C 102 -3.00 -32.13 8.01
N THR C 103 -2.90 -30.82 8.23
CA THR C 103 -1.68 -30.19 8.76
C THR C 103 -1.42 -30.71 10.18
N VAL C 104 -0.15 -30.84 10.56
CA VAL C 104 0.20 -31.15 11.95
C VAL C 104 -0.51 -30.09 12.81
N PRO C 105 -1.38 -30.54 13.75
CA PRO C 105 -2.12 -29.58 14.57
C PRO C 105 -1.17 -28.64 15.30
N VAL C 106 -1.56 -27.37 15.40
CA VAL C 106 -0.71 -26.34 16.00
C VAL C 106 -0.29 -26.69 17.44
N VAL C 107 -1.18 -27.32 18.21
CA VAL C 107 -0.86 -27.71 19.59
C VAL C 107 0.28 -28.75 19.70
N ASP C 108 0.53 -29.49 18.61
CA ASP C 108 1.54 -30.54 18.58
C ASP C 108 2.88 -30.13 17.96
N LEU C 109 2.93 -28.95 17.35
CA LEU C 109 4.16 -28.48 16.70
C LEU C 109 5.29 -28.20 17.69
N ASP C 110 6.50 -28.64 17.35
CA ASP C 110 7.70 -28.25 18.10
C ASP C 110 7.68 -26.74 18.27
N GLY C 111 8.09 -26.29 19.45
CA GLY C 111 8.20 -24.87 19.76
C GLY C 111 8.97 -24.06 18.73
N ASP C 112 10.02 -24.62 18.14
CA ASP C 112 10.81 -23.84 17.18
C ASP C 112 10.27 -23.86 15.73
N ILE C 113 9.15 -24.53 15.49
CA ILE C 113 8.44 -24.44 14.20
C ILE C 113 7.42 -23.30 14.21
N ILE C 114 6.91 -22.99 15.39
CA ILE C 114 5.82 -22.04 15.56
C ILE C 114 6.09 -20.64 14.93
N PRO C 115 7.33 -20.09 15.07
CA PRO C 115 7.56 -18.77 14.48
C PRO C 115 7.32 -18.74 12.98
N PHE C 116 7.39 -19.90 12.34
CA PHE C 116 7.24 -19.96 10.88
C PHE C 116 5.80 -19.99 10.41
N LEU C 117 4.86 -19.85 11.35
CA LEU C 117 3.46 -19.62 11.02
C LEU C 117 3.12 -18.12 10.92
N PHE C 118 4.05 -17.26 11.34
CA PHE C 118 3.78 -15.82 11.53
C PHE C 118 4.26 -14.95 10.38
N PRO C 119 3.58 -13.82 10.18
CA PRO C 119 3.98 -12.92 9.10
C PRO C 119 5.37 -12.35 9.39
N SER C 120 6.07 -11.94 8.34
CA SER C 120 7.42 -11.38 8.48
C SER C 120 7.50 -10.20 7.51
N ARG C 121 8.62 -9.49 7.52
CA ARG C 121 8.74 -8.27 6.72
C ARG C 121 8.28 -8.44 5.26
N TYR C 122 8.76 -9.47 4.60
CA TYR C 122 8.49 -9.67 3.19
C TYR C 122 7.40 -10.68 2.93
N CYS C 123 6.75 -11.14 3.99
CA CYS C 123 5.74 -12.21 3.89
C CYS C 123 4.52 -11.85 4.73
N GLN C 124 3.68 -10.96 4.19
CA GLN C 124 2.54 -10.46 4.94
C GLN C 124 1.37 -11.42 4.81
N SER C 125 1.56 -12.61 5.39
CA SER C 125 0.58 -13.68 5.30
C SER C 125 -0.74 -13.30 5.95
N ASP C 126 -0.68 -12.42 6.94
CA ASP C 126 -1.88 -11.91 7.61
C ASP C 126 -2.78 -11.05 6.70
N LYS C 127 -2.26 -10.61 5.54
CA LYS C 127 -3.07 -9.87 4.57
C LYS C 127 -3.60 -10.75 3.43
N LEU C 128 -3.25 -12.03 3.44
CA LEU C 128 -3.56 -12.88 2.29
C LEU C 128 -4.38 -14.14 2.63
N GLN C 129 -4.95 -14.19 3.84
CA GLN C 129 -5.72 -15.36 4.27
C GLN C 129 -6.92 -15.67 3.36
N LYS C 130 -7.72 -14.65 3.05
CA LYS C 130 -8.92 -14.91 2.23
C LYS C 130 -8.53 -15.30 0.84
N LEU C 131 -7.53 -14.61 0.29
CA LEU C 131 -7.07 -14.93 -1.05
C LEU C 131 -6.55 -16.36 -1.13
N ALA C 132 -5.71 -16.73 -0.18
CA ALA C 132 -5.11 -18.07 -0.18
C ALA C 132 -6.18 -19.16 -0.07
N TYR C 133 -7.17 -18.93 0.79
CA TYR C 133 -8.27 -19.87 0.96
C TYR C 133 -9.14 -19.95 -0.29
N LYS C 134 -9.47 -18.79 -0.87
CA LYS C 134 -10.27 -18.78 -2.09
C LYS C 134 -9.57 -19.51 -3.23
N GLU C 135 -8.25 -19.43 -3.27
CA GLU C 135 -7.49 -20.00 -4.39
C GLU C 135 -7.15 -21.46 -4.19
N PHE C 136 -6.81 -21.84 -2.96
CA PHE C 136 -6.21 -23.14 -2.67
C PHE C 136 -6.88 -23.93 -1.55
N GLY C 137 -7.87 -23.34 -0.88
CA GLY C 137 -8.41 -23.92 0.35
C GLY C 137 -9.21 -25.21 0.19
N LYS C 138 -9.60 -25.53 -1.04
CA LYS C 138 -10.36 -26.75 -1.33
C LYS C 138 -9.48 -27.98 -1.50
N ILE C 139 -8.18 -27.77 -1.69
CA ILE C 139 -7.26 -28.88 -1.90
C ILE C 139 -7.00 -29.59 -0.58
N GLU C 140 -7.46 -30.84 -0.51
CA GLU C 140 -7.42 -31.62 0.73
C GLU C 140 -6.02 -32.07 1.17
N ASN C 141 -5.20 -32.54 0.23
CA ASN C 141 -3.86 -33.01 0.56
C ASN C 141 -2.94 -31.83 0.82
N VAL C 142 -2.28 -31.80 1.97
CA VAL C 142 -1.39 -30.68 2.32
C VAL C 142 -0.25 -30.47 1.32
N TYR C 143 0.46 -31.54 0.97
CA TYR C 143 1.52 -31.44 -0.05
C TYR C 143 0.95 -30.93 -1.38
N SER C 144 -0.19 -31.48 -1.79
CA SER C 144 -0.81 -31.05 -3.04
C SER C 144 -1.14 -29.56 -3.01
N LYS C 145 -1.53 -29.10 -1.83
CA LYS C 145 -1.92 -27.72 -1.64
C LYS C 145 -0.71 -26.78 -1.80
N VAL C 146 0.41 -27.14 -1.18
CA VAL C 146 1.63 -26.34 -1.31
C VAL C 146 2.15 -26.40 -2.75
N LEU C 147 2.03 -27.57 -3.37
CA LEU C 147 2.48 -27.74 -4.73
C LEU C 147 1.63 -26.88 -5.67
N ALA C 148 0.33 -26.81 -5.40
CA ALA C 148 -0.58 -25.96 -6.18
C ALA C 148 -0.20 -24.48 -6.06
N ILE C 149 0.15 -24.07 -4.85
CA ILE C 149 0.65 -22.71 -4.59
C ILE C 149 1.85 -22.45 -5.49
N THR C 150 2.79 -23.38 -5.46
CA THR C 150 4.04 -23.28 -6.18
C THR C 150 3.79 -23.27 -7.71
N ASP C 151 2.87 -24.12 -8.16
CA ASP C 151 2.52 -24.15 -9.59
C ASP C 151 1.79 -22.87 -9.99
N TRP C 152 0.95 -22.36 -9.09
CA TRP C 152 0.22 -21.14 -9.40
C TRP C 152 1.21 -19.99 -9.59
N ILE C 153 2.22 -19.94 -8.72
CA ILE C 153 3.24 -18.89 -8.82
C ILE C 153 4.02 -19.01 -10.13
N TYR C 154 4.49 -20.23 -10.42
CA TYR C 154 5.20 -20.44 -11.68
C TYR C 154 4.38 -19.94 -12.87
N ASN C 155 3.08 -20.26 -12.91
CA ASN C 155 2.24 -20.00 -14.08
C ASN C 155 1.70 -18.57 -14.19
N ASN C 156 1.74 -17.83 -13.08
CA ASN C 156 1.06 -16.53 -12.99
C ASN C 156 1.95 -15.35 -12.60
N VAL C 157 3.21 -15.63 -12.28
CA VAL C 157 4.20 -14.58 -12.01
C VAL C 157 5.32 -14.75 -13.02
N GLU C 158 5.66 -13.66 -13.71
CA GLU C 158 6.71 -13.71 -14.73
C GLU C 158 8.06 -13.61 -14.05
N TYR C 159 9.03 -14.37 -14.54
CA TYR C 159 10.39 -14.27 -14.00
C TYR C 159 11.08 -13.17 -14.80
N ILE C 160 11.27 -12.01 -14.19
CA ILE C 160 11.85 -10.87 -14.91
C ILE C 160 12.93 -10.19 -14.09
N SER C 161 14.16 -10.35 -14.53
CA SER C 161 15.29 -9.65 -13.94
C SER C 161 15.07 -8.13 -13.88
N GLY C 162 15.37 -7.53 -12.72
CA GLY C 162 15.27 -6.08 -12.52
C GLY C 162 13.88 -5.50 -12.34
N SER C 163 12.87 -6.35 -12.18
CA SER C 163 11.50 -5.86 -11.99
C SER C 163 11.17 -5.49 -10.53
N THR C 164 12.08 -5.83 -9.62
CA THR C 164 11.84 -5.69 -8.18
C THR C 164 13.09 -5.17 -7.50
N ASN C 165 13.00 -4.86 -6.21
CA ASN C 165 14.18 -4.48 -5.43
C ASN C 165 14.08 -5.07 -4.02
N SER C 166 14.99 -4.67 -3.14
CA SER C 166 15.05 -5.29 -1.81
C SER C 166 13.86 -4.94 -0.90
N GLN C 167 13.08 -3.95 -1.28
CA GLN C 167 11.87 -3.56 -0.55
C GLN C 167 10.65 -4.37 -0.96
N THR C 168 10.73 -5.03 -2.11
CA THR C 168 9.58 -5.78 -2.65
C THR C 168 9.19 -6.93 -1.73
N SER C 169 7.89 -7.08 -1.49
CA SER C 169 7.38 -8.15 -0.64
C SER C 169 6.39 -9.03 -1.39
N ALA C 170 6.00 -10.14 -0.75
CA ALA C 170 4.96 -11.02 -1.28
C ALA C 170 3.69 -10.25 -1.59
N PHE C 171 3.32 -9.30 -0.72
CA PHE C 171 2.13 -8.51 -0.94
C PHE C 171 2.20 -7.71 -2.24
N ASP C 172 3.38 -7.24 -2.62
CA ASP C 172 3.56 -6.60 -3.91
C ASP C 172 3.46 -7.57 -5.09
N THR C 173 4.15 -8.70 -4.98
CA THR C 173 4.29 -9.61 -6.10
C THR C 173 2.96 -10.22 -6.50
N ILE C 174 2.07 -10.39 -5.53
CA ILE C 174 0.79 -11.01 -5.78
C ILE C 174 -0.04 -10.19 -6.78
N THR C 175 0.21 -8.88 -6.85
CA THR C 175 -0.49 -8.00 -7.83
C THR C 175 0.39 -7.59 -8.99
N GLU C 176 1.70 -7.43 -8.74
CA GLU C 176 2.67 -6.99 -9.76
C GLU C 176 2.93 -8.12 -10.78
N ARG C 177 2.94 -9.37 -10.31
CA ARG C 177 3.06 -10.55 -11.20
C ARG C 177 4.38 -10.60 -11.95
N ALA C 178 5.40 -10.00 -11.36
CA ALA C 178 6.75 -10.10 -11.90
C ALA C 178 7.75 -10.13 -10.75
N GLY C 179 8.84 -10.85 -10.92
CA GLY C 179 9.89 -10.86 -9.89
C GLY C 179 11.03 -11.81 -10.16
N VAL C 180 11.92 -11.95 -9.18
CA VAL C 180 13.01 -12.93 -9.26
C VAL C 180 12.90 -13.94 -8.11
N CYS C 181 13.89 -14.84 -7.96
CA CYS C 181 13.70 -15.98 -7.05
C CYS C 181 13.39 -15.53 -5.63
N ARG C 182 14.04 -14.47 -5.16
CA ARG C 182 13.73 -13.93 -3.84
C ARG C 182 12.22 -13.65 -3.73
N ASP C 183 11.64 -13.07 -4.77
CA ASP C 183 10.22 -12.70 -4.72
C ASP C 183 9.34 -13.93 -4.84
N PHE C 184 9.75 -14.90 -5.66
CA PHE C 184 9.01 -16.18 -5.79
C PHE C 184 8.99 -16.93 -4.45
N ALA C 185 10.14 -16.91 -3.78
CA ALA C 185 10.25 -17.51 -2.45
C ALA C 185 9.37 -16.82 -1.41
N HIS C 186 9.44 -15.49 -1.33
CA HIS C 186 8.60 -14.76 -0.36
C HIS C 186 7.12 -15.01 -0.60
N LEU C 187 6.71 -15.07 -1.88
CA LEU C 187 5.30 -15.27 -2.16
C LEU C 187 4.81 -16.68 -1.78
N GLY C 188 5.62 -17.69 -2.02
CA GLY C 188 5.27 -19.07 -1.64
C GLY C 188 5.12 -19.17 -0.13
N ILE C 189 6.05 -18.55 0.58
CA ILE C 189 6.03 -18.55 2.03
C ILE C 189 4.77 -17.89 2.55
N ALA C 190 4.47 -16.68 2.03
CA ALA C 190 3.31 -15.96 2.52
C ALA C 190 2.03 -16.76 2.30
N LEU C 191 1.88 -17.35 1.11
CA LEU C 191 0.68 -18.13 0.79
C LEU C 191 0.56 -19.39 1.67
N CYS C 192 1.67 -20.06 1.94
CA CYS C 192 1.66 -21.19 2.91
C CYS C 192 1.20 -20.77 4.30
N ARG C 193 1.84 -19.74 4.87
CA ARG C 193 1.49 -19.26 6.20
C ARG C 193 0.05 -18.78 6.27
N ALA C 194 -0.43 -18.22 5.17
CA ALA C 194 -1.82 -17.77 5.09
C ALA C 194 -2.81 -18.94 5.24
N LEU C 195 -2.38 -20.14 4.88
CA LEU C 195 -3.19 -21.35 5.05
C LEU C 195 -2.80 -22.17 6.30
N SER C 196 -2.13 -21.49 7.25
CA SER C 196 -1.65 -22.10 8.51
C SER C 196 -0.67 -23.26 8.30
N ILE C 197 0.18 -23.13 7.29
CA ILE C 197 1.20 -24.12 7.03
C ILE C 197 2.55 -23.44 7.30
N PRO C 198 3.34 -23.94 8.29
CA PRO C 198 4.64 -23.31 8.59
C PRO C 198 5.54 -23.32 7.36
N ALA C 199 6.22 -22.21 7.09
CA ALA C 199 7.08 -22.13 5.92
C ALA C 199 8.26 -21.20 6.21
N ARG C 200 9.40 -21.51 5.62
CA ARG C 200 10.60 -20.73 5.91
C ARG C 200 11.39 -20.50 4.63
N TYR C 201 12.21 -19.44 4.64
CA TYR C 201 13.02 -19.03 3.50
C TYR C 201 14.27 -19.86 3.48
N PHE C 202 14.70 -20.26 2.29
CA PHE C 202 15.86 -21.10 2.11
C PHE C 202 16.74 -20.45 1.06
N THR C 203 18.02 -20.26 1.39
CA THR C 203 18.99 -19.79 0.40
C THR C 203 20.06 -20.84 0.24
N GLY C 204 20.61 -20.93 -0.95
CA GLY C 204 21.71 -21.87 -1.17
C GLY C 204 22.43 -21.70 -2.48
N TYR C 205 23.43 -22.56 -2.69
CA TYR C 205 24.08 -22.72 -3.98
C TYR C 205 23.24 -23.70 -4.74
N ALA C 206 23.23 -23.60 -6.07
CA ALA C 206 22.32 -24.43 -6.88
C ALA C 206 22.98 -24.97 -8.13
N PHE C 207 23.10 -26.29 -8.16
CA PHE C 207 23.68 -26.98 -9.29
C PHE C 207 22.75 -26.85 -10.49
N LYS C 208 23.33 -26.57 -11.65
CA LYS C 208 22.61 -26.42 -12.93
C LYS C 208 21.86 -25.09 -13.05
N LEU C 209 21.95 -24.24 -12.04
CA LEU C 209 21.33 -22.92 -12.16
C LEU C 209 22.07 -22.14 -13.25
N ASN C 210 21.30 -21.58 -14.18
CA ASN C 210 21.87 -20.92 -15.34
C ASN C 210 21.08 -19.66 -15.67
N PRO C 211 21.73 -18.47 -15.55
CA PRO C 211 23.15 -18.30 -15.19
C PRO C 211 23.41 -18.53 -13.69
N PRO C 212 24.62 -19.02 -13.35
CA PRO C 212 24.94 -19.36 -11.96
C PRO C 212 24.86 -18.17 -11.01
N ASP C 213 24.30 -18.40 -9.82
CA ASP C 213 24.00 -17.33 -8.85
C ASP C 213 23.61 -17.97 -7.53
N PHE C 214 23.49 -17.16 -6.47
CA PHE C 214 22.81 -17.63 -5.25
C PHE C 214 21.35 -17.85 -5.58
N HIS C 215 20.72 -18.79 -4.90
CA HIS C 215 19.32 -19.10 -5.20
C HIS C 215 18.53 -18.95 -3.92
N ALA C 216 17.27 -18.59 -4.05
CA ALA C 216 16.38 -18.55 -2.90
C ALA C 216 15.14 -19.31 -3.26
N CYS C 217 14.64 -20.11 -2.32
CA CYS C 217 13.34 -20.78 -2.46
C CYS C 217 12.79 -20.98 -1.06
N PHE C 218 11.95 -21.99 -0.84
CA PHE C 218 11.37 -22.16 0.51
C PHE C 218 11.12 -23.60 0.94
N GLU C 219 10.84 -23.78 2.23
CA GLU C 219 10.48 -25.09 2.72
C GLU C 219 9.18 -24.95 3.49
N ALA C 220 8.33 -25.96 3.37
CA ALA C 220 7.07 -26.00 4.10
C ALA C 220 7.10 -27.19 5.03
N TYR C 221 6.57 -27.02 6.24
CA TYR C 221 6.57 -28.11 7.22
C TYR C 221 5.31 -28.97 7.02
N ILE C 222 5.49 -30.14 6.42
CA ILE C 222 4.38 -31.03 6.10
C ILE C 222 4.59 -32.39 6.77
N GLY C 223 3.65 -32.77 7.63
CA GLY C 223 3.66 -34.09 8.28
C GLY C 223 4.94 -34.39 9.04
N GLY C 224 5.55 -33.36 9.64
CA GLY C 224 6.72 -33.55 10.49
C GLY C 224 8.07 -33.39 9.80
N ASN C 225 8.04 -33.00 8.53
CA ASN C 225 9.24 -32.79 7.73
C ASN C 225 9.21 -31.45 7.01
N TRP C 226 10.38 -30.84 6.88
CA TRP C 226 10.54 -29.66 6.04
C TRP C 226 10.73 -30.11 4.60
N ILE C 227 9.79 -29.72 3.73
CA ILE C 227 9.81 -30.15 2.33
C ILE C 227 10.19 -28.96 1.46
N ILE C 228 11.21 -29.11 0.63
CA ILE C 228 11.64 -28.05 -0.27
C ILE C 228 10.65 -27.78 -1.40
N PHE C 229 10.50 -26.51 -1.76
CA PHE C 229 9.69 -26.10 -2.91
C PHE C 229 10.36 -24.95 -3.61
N ASP C 230 10.18 -24.84 -4.92
CA ASP C 230 10.81 -23.75 -5.67
C ASP C 230 9.93 -23.37 -6.86
N ALA C 231 9.18 -22.29 -6.70
CA ALA C 231 8.21 -21.88 -7.72
C ALA C 231 8.85 -21.36 -9.01
N THR C 232 10.15 -21.10 -9.00
CA THR C 232 10.82 -20.64 -10.22
C THR C 232 11.00 -21.77 -11.23
N ARG C 233 11.12 -23.00 -10.73
CA ARG C 233 11.47 -24.19 -11.54
C ARG C 233 12.83 -24.02 -12.22
N LEU C 234 13.71 -23.20 -11.66
CA LEU C 234 14.97 -22.93 -12.31
C LEU C 234 16.00 -24.01 -12.05
N VAL C 235 15.81 -24.83 -11.01
CA VAL C 235 16.87 -25.73 -10.53
C VAL C 235 16.38 -27.10 -10.08
N PRO C 236 17.14 -28.17 -10.38
CA PRO C 236 16.75 -29.46 -9.82
C PRO C 236 16.80 -29.37 -8.28
N LEU C 237 15.78 -29.92 -7.63
CA LEU C 237 15.62 -29.75 -6.19
C LEU C 237 16.70 -30.47 -5.40
N ASN C 238 17.27 -31.52 -6.00
CA ASN C 238 18.36 -32.25 -5.39
C ASN C 238 19.76 -31.65 -5.66
N GLY C 239 19.82 -30.54 -6.37
CA GLY C 239 21.09 -29.84 -6.62
C GLY C 239 21.38 -28.68 -5.66
N LEU C 240 20.59 -28.54 -4.61
CA LEU C 240 20.77 -27.40 -3.69
C LEU C 240 21.69 -27.71 -2.51
N VAL C 241 22.59 -26.77 -2.21
CA VAL C 241 23.42 -26.80 -1.01
C VAL C 241 23.03 -25.62 -0.12
N LYS C 242 22.55 -25.92 1.09
CA LYS C 242 21.95 -24.94 1.99
C LYS C 242 22.95 -23.90 2.54
N ILE C 243 22.61 -22.62 2.42
CA ILE C 243 23.36 -21.53 3.06
C ILE C 243 22.63 -21.15 4.34
N ALA C 244 21.36 -20.79 4.22
CA ALA C 244 20.61 -20.33 5.37
C ALA C 244 19.15 -20.72 5.27
N THR C 245 18.51 -20.87 6.41
CA THR C 245 17.07 -20.77 6.47
C THR C 245 16.71 -19.67 7.47
N GLY C 246 15.52 -19.10 7.33
CA GLY C 246 15.06 -18.05 8.21
C GLY C 246 13.64 -17.67 7.84
N ARG C 247 13.15 -16.60 8.47
CA ARG C 247 11.75 -16.22 8.26
C ARG C 247 11.54 -15.67 6.84
N ASP C 248 12.52 -14.90 6.36
CA ASP C 248 12.50 -14.35 5.01
C ASP C 248 13.86 -13.72 4.76
N ALA C 249 13.98 -12.97 3.67
CA ALA C 249 15.27 -12.40 3.28
C ALA C 249 15.88 -11.48 4.34
N ALA C 250 15.07 -10.94 5.25
CA ALA C 250 15.62 -10.09 6.32
C ALA C 250 16.67 -10.85 7.16
N ASP C 251 16.46 -12.17 7.28
CA ASP C 251 17.34 -13.07 8.02
C ASP C 251 18.43 -13.74 7.16
N ALA C 252 18.47 -13.46 5.87
CA ALA C 252 19.39 -14.22 5.03
C ALA C 252 19.94 -13.44 3.84
N ALA C 253 20.27 -12.17 4.05
CA ALA C 253 20.81 -11.37 2.96
C ALA C 253 22.19 -11.88 2.61
N VAL C 254 22.52 -11.89 1.32
CA VAL C 254 23.88 -12.20 0.88
C VAL C 254 24.84 -11.20 1.51
N ALA C 255 24.47 -9.92 1.48
CA ALA C 255 25.33 -8.91 2.07
C ALA C 255 24.50 -7.77 2.65
N SER C 256 24.67 -7.52 3.94
CA SER C 256 24.08 -6.35 4.58
C SER C 256 25.16 -5.30 4.77
N ILE C 257 24.88 -4.11 4.27
CA ILE C 257 25.90 -3.08 4.16
C ILE C 257 25.49 -1.87 4.98
N PHE C 258 26.32 -1.56 5.97
CA PHE C 258 26.14 -0.39 6.84
C PHE C 258 27.20 0.65 6.52
N GLY C 259 26.86 1.60 5.66
CA GLY C 259 27.83 2.55 5.09
C GLY C 259 27.48 2.78 3.64
N ASN C 260 28.50 3.08 2.82
CA ASN C 260 28.33 3.33 1.40
CA ASN C 260 28.32 3.33 1.40
C ASN C 260 29.33 2.51 0.60
N ALA C 261 28.83 1.53 -0.14
CA ALA C 261 29.65 0.62 -0.92
C ALA C 261 28.80 -0.05 -1.96
N SER C 262 29.42 -0.48 -3.07
CA SER C 262 28.70 -1.29 -4.07
C SER C 262 29.58 -2.39 -4.65
N SER C 263 28.96 -3.50 -5.03
CA SER C 263 29.71 -4.61 -5.62
C SER C 263 30.03 -4.29 -7.07
N THR C 264 31.22 -4.70 -7.50
CA THR C 264 31.68 -4.43 -8.86
C THR C 264 31.77 -5.73 -9.63
N ASN C 265 31.75 -6.84 -8.90
CA ASN C 265 31.76 -8.16 -9.50
C ASN C 265 31.28 -9.22 -8.52
N HIS C 267 30.75 -13.75 -8.54
CA HIS C 267 30.70 -15.05 -9.21
C HIS C 267 30.21 -16.11 -8.24
N VAL C 268 29.31 -16.96 -8.70
CA VAL C 268 28.80 -18.07 -7.90
C VAL C 268 28.83 -19.33 -8.75
N GLU C 269 29.18 -20.45 -8.13
CA GLU C 269 29.30 -21.73 -8.82
C GLU C 269 28.92 -22.88 -7.90
N CYS C 270 28.29 -23.90 -8.46
CA CYS C 270 28.03 -25.13 -7.76
C CYS C 270 28.26 -26.24 -8.77
N ALA C 271 29.13 -27.19 -8.44
CA ALA C 271 29.42 -28.31 -9.32
C ALA C 271 29.24 -29.61 -8.57
N SER C 272 28.63 -30.58 -9.25
CA SER C 272 28.47 -31.92 -8.70
C SER C 272 29.80 -32.65 -8.76
N LEU C 273 30.07 -33.47 -7.75
CA LEU C 273 31.25 -34.33 -7.75
C LEU C 273 30.84 -35.79 -7.99
N ASP C 274 29.53 -36.03 -8.07
CA ASP C 274 28.99 -37.35 -8.40
C ASP C 274 29.04 -37.56 -9.91
N THR C 275 29.38 -38.77 -10.34
CA THR C 275 29.53 -39.06 -11.76
C THR C 275 28.21 -38.96 -12.53
N ASP C 276 27.16 -39.61 -12.02
CA ASP C 276 25.87 -39.67 -12.71
C ASP C 276 24.72 -39.00 -11.93
N PHE C 277 24.68 -37.68 -11.99
CA PHE C 277 23.61 -36.89 -11.37
C PHE C 277 22.30 -37.03 -12.15
N THR C 278 21.21 -37.39 -11.46
CA THR C 278 19.88 -37.36 -12.10
C THR C 278 18.89 -36.41 -11.37
N PRO C 279 18.46 -35.35 -12.07
CA PRO C 279 17.64 -34.28 -11.49
C PRO C 279 16.33 -34.79 -10.90
N PHE C 280 15.91 -34.17 -9.81
CA PHE C 280 14.62 -34.46 -9.21
C PHE C 280 13.75 -33.21 -9.32
N TRP C 281 12.53 -33.39 -9.83
CA TRP C 281 11.57 -32.30 -9.95
C TRP C 281 10.20 -32.76 -9.46
N TYR C 282 9.37 -31.82 -9.05
CA TYR C 282 8.01 -32.18 -8.68
C TYR C 282 7.08 -32.31 -9.87
N ASP C 283 5.98 -33.03 -9.66
CA ASP C 283 4.93 -33.16 -10.63
C ASP C 283 3.58 -33.34 -9.95
N LYS C 284 2.57 -32.64 -10.47
CA LYS C 284 1.18 -32.70 -9.99
C LYS C 284 0.71 -34.14 -9.73
N ASN C 285 1.07 -35.05 -10.63
CA ASN C 285 0.65 -36.45 -10.57
C ASN C 285 1.43 -37.35 -9.59
N SER C 286 2.44 -36.78 -8.93
CA SER C 286 3.26 -37.55 -7.99
C SER C 286 3.28 -36.92 -6.60
N LEU C 287 2.81 -37.68 -5.60
CA LEU C 287 2.73 -37.20 -4.22
C LEU C 287 3.99 -37.56 -3.41
N LYS C 288 5.12 -37.01 -3.86
CA LYS C 288 6.42 -37.25 -3.25
C LYS C 288 7.07 -35.91 -2.91
N GLY C 289 7.51 -35.74 -1.66
CA GLY C 289 8.22 -34.52 -1.25
C GLY C 289 9.69 -34.81 -0.97
N LEU C 290 10.57 -33.85 -1.31
CA LEU C 290 11.99 -33.97 -1.01
C LEU C 290 12.33 -33.15 0.23
N SER C 291 13.08 -33.75 1.16
CA SER C 291 13.41 -33.12 2.44
C SER C 291 14.89 -33.27 2.72
N PHE C 292 15.54 -32.18 3.07
CA PHE C 292 16.95 -32.23 3.45
C PHE C 292 17.09 -32.57 4.93
N GLN C 293 17.39 -33.85 5.20
CA GLN C 293 17.46 -34.43 6.54
C GLN C 293 18.18 -35.77 6.48
N LEU D 5 30.39 4.41 34.28
CA LEU D 5 29.43 5.54 34.39
C LEU D 5 28.52 5.48 35.62
N TYR D 6 27.71 6.52 35.77
CA TYR D 6 26.79 6.70 36.87
C TYR D 6 25.47 6.01 36.56
N PHE D 7 24.95 5.29 37.55
CA PHE D 7 23.58 4.80 37.52
C PHE D 7 23.00 4.55 38.90
N GLN D 8 21.67 4.67 39.02
CA GLN D 8 20.95 4.30 40.22
C GLN D 8 20.23 2.98 39.96
N SER D 9 20.06 2.17 41.00
CA SER D 9 19.38 0.88 40.89
C SER D 9 18.14 0.89 41.76
N ASN D 10 17.06 0.32 41.26
CA ASN D 10 15.81 0.30 42.01
C ASN D 10 15.11 -1.05 41.91
N ALA D 11 14.59 -1.52 43.04
CA ALA D 11 13.85 -2.76 43.09
C ALA D 11 12.40 -2.43 43.39
N LYS D 13 8.13 -4.00 43.57
CA LYS D 13 7.26 -5.15 43.77
C LYS D 13 5.87 -4.85 43.25
N PHE D 14 5.31 -5.79 42.51
CA PHE D 14 4.03 -5.57 41.86
C PHE D 14 3.09 -6.75 41.97
N LYS D 15 1.81 -6.44 41.85
CA LYS D 15 0.80 -7.47 41.65
C LYS D 15 0.14 -7.22 40.29
N ILE D 16 0.00 -8.29 39.51
CA ILE D 16 -0.50 -8.21 38.15
C ILE D 16 -1.59 -9.25 37.92
N HIS D 17 -2.54 -8.93 37.04
CA HIS D 17 -3.61 -9.85 36.71
C HIS D 17 -4.20 -9.61 35.33
N SER D 18 -4.60 -10.70 34.67
CA SER D 18 -5.35 -10.59 33.44
C SER D 18 -6.39 -11.71 33.29
N ASP D 19 -7.56 -11.36 32.76
CA ASP D 19 -8.49 -12.39 32.31
C ASP D 19 -9.12 -12.06 30.95
N ILE D 20 -9.34 -13.09 30.16
CA ILE D 20 -9.92 -12.95 28.82
C ILE D 20 -11.01 -14.00 28.63
N THR D 21 -12.05 -13.64 27.89
CA THR D 21 -13.14 -14.55 27.56
C THR D 21 -13.33 -14.70 26.04
N TYR D 22 -13.47 -15.93 25.58
CA TYR D 22 -13.67 -16.22 24.16
C TYR D 22 -14.92 -17.03 23.83
N GLN D 23 -15.64 -16.60 22.79
CA GLN D 23 -16.62 -17.45 22.14
C GLN D 23 -15.92 -18.13 20.96
N VAL D 24 -16.02 -19.46 20.91
CA VAL D 24 -15.39 -20.24 19.86
C VAL D 24 -16.46 -20.72 18.87
N SER D 26 -15.54 -22.35 15.68
CA SER D 26 -15.02 -23.53 14.97
C SER D 26 -13.93 -24.20 15.81
N PRO D 27 -13.48 -25.43 15.43
CA PRO D 27 -12.29 -25.98 16.09
C PRO D 27 -11.13 -24.98 16.03
N THR D 28 -10.67 -24.53 17.20
CA THR D 28 -9.72 -23.42 17.29
C THR D 28 -8.54 -23.72 18.22
N THR D 29 -7.33 -23.43 17.75
CA THR D 29 -6.14 -23.48 18.60
C THR D 29 -5.69 -22.06 18.99
N PHE D 30 -5.37 -21.86 20.28
CA PHE D 30 -4.91 -20.58 20.79
C PHE D 30 -3.49 -20.66 21.27
N ILE D 31 -2.72 -19.61 21.00
CA ILE D 31 -1.42 -19.39 21.65
C ILE D 31 -1.49 -18.02 22.31
N PHE D 32 -1.37 -18.02 23.62
CA PHE D 32 -1.48 -16.80 24.42
C PHE D 32 -0.13 -16.34 24.93
N ASN D 33 -0.02 -15.03 25.18
CA ASN D 33 1.18 -14.48 25.80
C ASN D 33 0.81 -13.52 26.94
N VAL D 34 0.55 -14.07 28.12
CA VAL D 34 0.06 -13.31 29.27
C VAL D 34 0.98 -13.39 30.48
N HIS D 35 1.85 -14.40 30.51
CA HIS D 35 2.72 -14.63 31.66
C HIS D 35 3.79 -13.56 31.78
N ALA D 36 4.13 -13.21 33.02
CA ALA D 36 5.30 -12.38 33.24
C ALA D 36 6.55 -13.18 32.91
N LEU D 37 7.56 -12.50 32.37
CA LEU D 37 8.80 -13.14 31.99
C LEU D 37 9.68 -13.32 33.21
N ARG D 38 10.44 -14.41 33.24
CA ARG D 38 11.49 -14.59 34.23
C ARG D 38 12.81 -14.22 33.59
N THR D 39 13.48 -13.24 34.17
CA THR D 39 14.79 -12.82 33.68
C THR D 39 15.73 -12.67 34.85
N GLU D 40 16.95 -12.21 34.59
CA GLU D 40 17.92 -11.95 35.64
C GLU D 40 17.48 -10.82 36.60
N SER D 41 16.62 -9.94 36.12
CA SER D 41 16.18 -8.80 36.94
C SER D 41 14.71 -8.84 37.36
N GLN D 42 13.95 -9.79 36.83
CA GLN D 42 12.53 -9.87 37.13
C GLN D 42 12.16 -11.26 37.63
N HIS D 43 11.68 -11.31 38.88
CA HIS D 43 11.40 -12.59 39.53
C HIS D 43 9.93 -12.77 39.86
N ILE D 44 9.39 -13.93 39.50
CA ILE D 44 8.00 -14.25 39.79
C ILE D 44 7.93 -14.95 41.14
N LEU D 45 7.39 -14.26 42.13
CA LEU D 45 7.26 -14.83 43.47
C LEU D 45 6.21 -15.94 43.49
N ASP D 46 5.10 -15.74 42.79
CA ASP D 46 4.07 -16.76 42.59
C ASP D 46 3.14 -16.40 41.45
N GLU D 47 2.52 -17.41 40.85
CA GLU D 47 1.58 -17.21 39.75
C GLU D 47 0.57 -18.34 39.66
N SER D 48 -0.60 -18.04 39.11
CA SER D 48 -1.61 -19.05 38.84
C SER D 48 -2.29 -18.79 37.51
N LEU D 49 -2.29 -19.81 36.65
CA LEU D 49 -3.09 -19.79 35.45
C LEU D 49 -4.28 -20.74 35.59
N ILE D 50 -5.48 -20.20 35.43
CA ILE D 50 -6.71 -20.99 35.50
C ILE D 50 -7.57 -20.78 34.26
N VAL D 51 -7.89 -21.87 33.59
CA VAL D 51 -8.89 -21.85 32.55
C VAL D 51 -10.19 -22.49 33.07
N THR D 52 -11.25 -21.69 33.16
CA THR D 52 -12.58 -22.21 33.52
C THR D 52 -13.53 -22.07 32.32
N PRO D 53 -14.10 -23.19 31.85
CA PRO D 53 -13.93 -24.58 32.33
C PRO D 53 -12.54 -25.13 31.94
N PRO D 54 -11.95 -26.00 32.80
CA PRO D 54 -10.57 -26.46 32.60
C PRO D 54 -10.31 -27.18 31.28
N ILE D 55 -9.42 -26.60 30.46
CA ILE D 55 -8.97 -27.21 29.21
C ILE D 55 -7.47 -27.51 29.33
N GLU D 56 -6.98 -28.49 28.58
CA GLU D 56 -5.57 -28.89 28.65
C GLU D 56 -4.71 -27.78 28.04
N ILE D 57 -3.78 -27.27 28.83
CA ILE D 57 -2.91 -26.15 28.46
C ILE D 57 -1.44 -26.55 28.56
N GLU D 58 -0.62 -26.04 27.64
CA GLU D 58 0.81 -26.30 27.64
C GLU D 58 1.60 -25.01 27.41
N GLU D 59 2.63 -24.80 28.23
CA GLU D 59 3.52 -23.65 28.09
C GLU D 59 4.73 -24.02 27.23
N PHE D 60 5.20 -23.07 26.42
CA PHE D 60 6.40 -23.23 25.60
C PHE D 60 7.03 -21.87 25.26
N SER D 61 8.31 -21.90 24.89
CA SER D 61 9.05 -20.72 24.42
C SER D 61 9.74 -20.98 23.08
N TYR D 62 10.03 -19.91 22.32
CA TYR D 62 10.92 -20.01 21.15
C TYR D 62 12.32 -20.22 21.70
N ASN D 63 13.27 -20.55 20.82
CA ASN D 63 14.66 -20.70 21.24
C ASN D 63 15.22 -19.41 21.90
N SER D 64 14.79 -18.25 21.40
CA SER D 64 15.27 -16.97 21.94
C SER D 64 14.91 -16.77 23.40
N GLY D 65 13.78 -17.35 23.83
CA GLY D 65 13.35 -17.32 25.22
C GLY D 65 13.00 -15.96 25.79
N THR D 66 12.47 -15.06 24.95
CA THR D 66 12.06 -13.76 25.47
C THR D 66 10.53 -13.60 25.59
N SER D 67 9.83 -14.73 25.68
CA SER D 67 8.39 -14.77 25.98
C SER D 67 7.98 -16.17 26.44
N ARG D 68 6.92 -16.23 27.25
CA ARG D 68 6.32 -17.49 27.65
C ARG D 68 4.96 -17.63 27.00
N PHE D 69 4.85 -18.56 26.05
CA PHE D 69 3.59 -18.82 25.40
C PHE D 69 2.87 -19.98 26.05
N VAL D 70 1.54 -19.97 25.97
CA VAL D 70 0.73 -21.10 26.40
C VAL D 70 -0.30 -21.41 25.33
N ARG D 71 -0.41 -22.68 24.97
CA ARG D 71 -1.35 -23.08 23.94
C ARG D 71 -2.39 -24.08 24.45
N LEU D 72 -3.61 -23.93 23.94
CA LEU D 72 -4.72 -24.86 24.23
C LEU D 72 -5.56 -24.91 22.97
N LYS D 73 -6.35 -25.97 22.83
CA LYS D 73 -7.29 -26.05 21.73
C LYS D 73 -8.73 -26.11 22.24
N ALA D 74 -9.65 -25.56 21.46
CA ALA D 74 -11.07 -25.54 21.81
C ALA D 74 -11.92 -26.15 20.71
N THR D 75 -13.01 -26.81 21.13
CA THR D 75 -13.98 -27.37 20.18
C THR D 75 -15.02 -26.31 19.77
N GLU D 76 -15.64 -26.50 18.60
CA GLU D 76 -16.63 -25.53 18.10
C GLU D 76 -17.78 -25.29 19.10
N ASN D 77 -18.27 -24.05 19.12
CA ASN D 77 -19.36 -23.62 20.00
C ASN D 77 -19.06 -23.85 21.48
N THR D 78 -17.89 -23.37 21.90
CA THR D 78 -17.45 -23.36 23.29
C THR D 78 -17.34 -21.91 23.75
N THR D 79 -17.54 -21.69 25.04
CA THR D 79 -17.16 -20.43 25.67
C THR D 79 -16.24 -20.77 26.82
N PHE D 80 -15.09 -20.10 26.89
CA PHE D 80 -14.16 -20.32 27.98
C PHE D 80 -13.51 -19.01 28.43
N SER D 81 -12.90 -19.07 29.61
CA SER D 81 -12.30 -17.91 30.23
C SER D 81 -10.93 -18.33 30.75
N SER D 83 -7.54 -17.02 33.17
CA SER D 83 -7.21 -16.11 34.27
C SER D 83 -5.76 -16.26 34.68
N TYR D 84 -5.05 -15.13 34.80
CA TYR D 84 -3.68 -15.10 35.28
C TYR D 84 -3.48 -14.05 36.36
N THR D 85 -2.78 -14.46 37.41
CA THR D 85 -2.44 -13.59 38.53
C THR D 85 -1.03 -13.94 38.97
N ALA D 86 -0.26 -12.93 39.34
CA ALA D 86 1.11 -13.10 39.78
C ALA D 86 1.54 -11.94 40.65
N THR D 87 2.52 -12.20 41.49
CA THR D 87 3.18 -11.13 42.23
C THR D 87 4.63 -11.17 41.77
N VAL D 88 5.15 -10.02 41.36
CA VAL D 88 6.42 -9.98 40.65
C VAL D 88 7.34 -8.91 41.19
N ASP D 89 8.61 -9.24 41.21
CA ASP D 89 9.68 -8.34 41.61
C ASP D 89 10.40 -7.86 40.34
N THR D 90 10.61 -6.55 40.19
CA THR D 90 11.42 -6.00 39.09
C THR D 90 12.54 -5.14 39.61
N GLN D 91 13.57 -5.00 38.79
CA GLN D 91 14.66 -4.09 39.02
C GLN D 91 14.94 -3.32 37.74
N TYR D 92 15.47 -2.11 37.92
CA TYR D 92 15.92 -1.31 36.78
C TYR D 92 17.04 -0.40 37.21
N LYS D 93 17.78 0.06 36.22
CA LYS D 93 18.79 1.07 36.41
C LYS D 93 18.40 2.35 35.68
N VAL D 94 18.82 3.49 36.25
CA VAL D 94 18.75 4.78 35.58
C VAL D 94 20.18 5.16 35.24
N ILE D 95 20.49 5.18 33.94
CA ILE D 95 21.85 5.23 33.45
C ILE D 95 22.09 6.55 32.74
N ASP D 96 23.22 7.17 33.09
CA ASP D 96 23.69 8.41 32.45
C ASP D 96 23.92 8.24 30.94
N GLN D 97 23.33 9.15 30.15
CA GLN D 97 23.41 9.09 28.69
C GLN D 97 24.19 10.26 28.03
N ARG D 98 24.80 11.11 28.86
CA ARG D 98 25.51 12.30 28.37
C ARG D 98 26.65 12.00 27.39
N GLN D 99 27.32 10.86 27.58
CA GLN D 99 28.45 10.49 26.71
C GLN D 99 28.07 9.58 25.52
N GLU D 100 26.77 9.38 25.30
CA GLU D 100 26.33 8.51 24.20
C GLU D 100 26.28 9.27 22.87
N LEU D 101 27.45 9.50 22.28
CA LEU D 101 27.57 10.30 21.05
C LEU D 101 27.51 9.47 19.76
N GLU D 102 27.91 8.20 19.87
CA GLU D 102 27.82 7.27 18.74
C GLU D 102 27.19 5.96 19.16
N THR D 103 26.50 5.34 18.22
CA THR D 103 26.03 3.97 18.38
C THR D 103 27.25 3.06 18.57
N VAL D 104 27.08 2.00 19.36
CA VAL D 104 28.04 0.91 19.42
C VAL D 104 28.26 0.44 17.98
N PRO D 105 29.52 0.30 17.56
CA PRO D 105 29.79 -0.14 16.18
C PRO D 105 29.15 -1.49 15.86
N VAL D 106 28.64 -1.63 14.65
CA VAL D 106 28.00 -2.86 14.18
C VAL D 106 28.97 -4.06 14.30
N VAL D 107 30.25 -3.86 13.99
CA VAL D 107 31.22 -4.95 14.15
C VAL D 107 31.37 -5.42 15.61
N ASP D 108 31.07 -4.54 16.56
CA ASP D 108 31.25 -4.85 17.99
C ASP D 108 29.98 -5.36 18.68
N LEU D 109 28.82 -5.24 18.03
CA LEU D 109 27.56 -5.75 18.63
C LEU D 109 27.56 -7.27 18.81
N ASP D 110 27.05 -7.70 19.98
CA ASP D 110 26.77 -9.11 20.23
C ASP D 110 25.85 -9.68 19.14
N GLY D 111 26.09 -10.94 18.79
CA GLY D 111 25.34 -11.64 17.75
C GLY D 111 23.85 -11.48 17.89
N ASP D 112 23.35 -11.62 19.12
CA ASP D 112 21.91 -11.57 19.36
C ASP D 112 21.25 -10.18 19.39
N ILE D 113 22.05 -9.13 19.22
CA ILE D 113 21.52 -7.76 19.02
C ILE D 113 21.26 -7.48 17.55
N ILE D 114 22.09 -8.09 16.71
CA ILE D 114 22.08 -7.80 15.26
C ILE D 114 20.71 -7.90 14.60
N PRO D 115 19.91 -8.94 14.92
CA PRO D 115 18.59 -9.03 14.30
C PRO D 115 17.74 -7.79 14.51
N PHE D 116 17.97 -7.06 15.59
CA PHE D 116 17.17 -5.87 15.87
C PHE D 116 17.52 -4.63 15.07
N LEU D 117 18.44 -4.78 14.11
CA LEU D 117 18.71 -3.75 13.12
C LEU D 117 17.86 -3.90 11.87
N PHE D 118 17.19 -5.04 11.69
CA PHE D 118 16.55 -5.37 10.43
C PHE D 118 15.05 -5.08 10.41
N PRO D 119 14.51 -4.83 9.21
CA PRO D 119 13.07 -4.61 9.10
C PRO D 119 12.32 -5.85 9.57
N SER D 120 11.11 -5.64 10.06
CA SER D 120 10.24 -6.75 10.44
C SER D 120 8.83 -6.50 9.87
N ARG D 121 7.92 -7.44 10.09
CA ARG D 121 6.59 -7.32 9.48
C ARG D 121 5.95 -5.95 9.69
N TYR D 122 5.94 -5.47 10.94
CA TYR D 122 5.24 -4.24 11.27
C TYR D 122 6.18 -3.03 11.34
N CYS D 123 7.45 -3.23 10.99
CA CYS D 123 8.48 -2.20 11.15
C CYS D 123 9.32 -2.15 9.88
N GLN D 124 8.80 -1.49 8.85
CA GLN D 124 9.44 -1.50 7.55
C GLN D 124 10.46 -0.39 7.50
N SER D 125 11.53 -0.57 8.27
CA SER D 125 12.54 0.47 8.44
C SER D 125 13.26 0.74 7.13
N ASP D 126 13.33 -0.28 6.28
CA ASP D 126 13.96 -0.12 4.97
C ASP D 126 13.19 0.84 4.08
N LYS D 127 11.94 1.14 4.40
CA LYS D 127 11.17 2.09 3.60
C LYS D 127 11.16 3.49 4.18
N LEU D 128 11.80 3.68 5.34
CA LEU D 128 11.71 4.95 6.05
C LEU D 128 13.04 5.64 6.25
N GLN D 129 14.09 5.17 5.56
CA GLN D 129 15.43 5.75 5.74
C GLN D 129 15.49 7.24 5.43
N LYS D 130 14.96 7.65 4.26
CA LYS D 130 15.04 9.06 3.91
C LYS D 130 14.29 9.92 4.88
N LEU D 131 13.05 9.52 5.16
CA LEU D 131 12.20 10.26 6.07
C LEU D 131 12.89 10.35 7.44
N ALA D 132 13.42 9.23 7.94
CA ALA D 132 14.00 9.21 9.28
C ALA D 132 15.23 10.13 9.33
N TYR D 133 16.07 10.07 8.31
CA TYR D 133 17.27 10.90 8.30
C TYR D 133 16.96 12.41 8.27
N LYS D 134 15.96 12.79 7.48
CA LYS D 134 15.61 14.20 7.36
C LYS D 134 15.14 14.75 8.70
N GLU D 135 14.28 14.00 9.37
CA GLU D 135 13.69 14.46 10.62
C GLU D 135 14.69 14.47 11.77
N PHE D 136 15.50 13.42 11.88
CA PHE D 136 16.27 13.17 13.10
C PHE D 136 17.77 13.04 12.91
N GLY D 137 18.21 13.02 11.66
CA GLY D 137 19.57 12.60 11.34
C GLY D 137 20.69 13.49 11.85
N LYS D 138 20.37 14.76 12.13
CA LYS D 138 21.37 15.73 12.57
C LYS D 138 21.58 15.73 14.09
N ILE D 139 20.72 15.01 14.81
CA ILE D 139 20.80 14.94 16.27
C ILE D 139 22.01 14.12 16.76
N GLU D 140 22.88 14.76 17.52
CA GLU D 140 24.19 14.19 17.84
C GLU D 140 24.15 13.03 18.83
N ASN D 141 23.52 13.26 19.98
CA ASN D 141 23.46 12.27 21.05
C ASN D 141 22.42 11.17 20.75
N VAL D 142 22.89 9.91 20.74
CA VAL D 142 22.03 8.77 20.37
C VAL D 142 20.78 8.71 21.22
N TYR D 143 20.94 8.92 22.53
CA TYR D 143 19.81 8.91 23.42
C TYR D 143 18.85 10.05 23.05
N SER D 144 19.40 11.25 22.86
CA SER D 144 18.57 12.41 22.50
C SER D 144 17.85 12.17 21.18
N LYS D 145 18.51 11.48 20.26
CA LYS D 145 17.92 11.13 18.99
C LYS D 145 16.72 10.18 19.15
N VAL D 146 16.87 9.14 19.97
CA VAL D 146 15.76 8.24 20.22
C VAL D 146 14.65 8.97 20.96
N LEU D 147 15.01 9.84 21.90
CA LEU D 147 14.00 10.61 22.64
C LEU D 147 13.28 11.58 21.69
N ALA D 148 14.00 12.14 20.73
CA ALA D 148 13.40 13.01 19.69
C ALA D 148 12.41 12.23 18.82
N ILE D 149 12.76 10.98 18.49
CA ILE D 149 11.84 10.11 17.77
C ILE D 149 10.56 9.94 18.58
N THR D 150 10.75 9.64 19.87
CA THR D 150 9.67 9.32 20.78
C THR D 150 8.78 10.55 20.97
N ASP D 151 9.40 11.72 21.08
CA ASP D 151 8.66 12.96 21.28
C ASP D 151 7.93 13.35 19.99
N TRP D 152 8.56 13.09 18.84
CA TRP D 152 7.91 13.40 17.55
C TRP D 152 6.63 12.59 17.41
N ILE D 153 6.70 11.31 17.75
CA ILE D 153 5.55 10.43 17.67
C ILE D 153 4.42 10.92 18.58
N TYR D 154 4.73 11.20 19.84
CA TYR D 154 3.71 11.69 20.79
C TYR D 154 2.97 12.93 20.27
N ASN D 155 3.74 13.85 19.69
CA ASN D 155 3.25 15.14 19.25
C ASN D 155 2.56 15.12 17.88
N ASN D 156 2.82 14.09 17.08
CA ASN D 156 2.35 14.05 15.69
C ASN D 156 1.46 12.87 15.33
N VAL D 157 1.30 11.94 16.27
CA VAL D 157 0.41 10.82 16.12
C VAL D 157 -0.62 10.88 17.23
N GLU D 158 -1.89 10.82 16.86
CA GLU D 158 -2.98 10.92 17.81
C GLU D 158 -3.29 9.55 18.42
N TYR D 159 -3.43 9.49 19.73
CA TYR D 159 -3.90 8.27 20.37
C TYR D 159 -5.41 8.12 20.22
N ILE D 160 -5.83 7.15 19.40
CA ILE D 160 -7.27 6.91 19.17
C ILE D 160 -7.63 5.42 19.21
N SER D 161 -8.43 5.03 20.20
CA SER D 161 -8.91 3.63 20.30
C SER D 161 -9.70 3.25 19.05
N GLY D 162 -9.45 2.05 18.54
CA GLY D 162 -10.18 1.51 17.39
C GLY D 162 -9.81 2.06 16.02
N SER D 163 -8.77 2.89 15.94
CA SER D 163 -8.32 3.48 14.67
C SER D 163 -7.47 2.52 13.81
N THR D 164 -6.97 1.45 14.40
CA THR D 164 -6.08 0.54 13.67
C THR D 164 -6.52 -0.89 13.88
N ASN D 165 -5.85 -1.82 13.21
CA ASN D 165 -6.10 -3.25 13.42
C ASN D 165 -4.79 -4.01 13.53
N SER D 166 -4.84 -5.34 13.52
CA SER D 166 -3.60 -6.14 13.64
C SER D 166 -2.73 -6.14 12.38
N GLN D 167 -3.29 -5.68 11.25
CA GLN D 167 -2.53 -5.53 9.99
C GLN D 167 -1.73 -4.23 9.92
N THR D 168 -2.05 -3.27 10.78
CA THR D 168 -1.43 -1.94 10.74
C THR D 168 0.06 -2.02 11.09
N SER D 169 0.86 -1.27 10.35
CA SER D 169 2.32 -1.25 10.55
C SER D 169 2.84 0.18 10.71
N ALA D 170 4.13 0.31 11.02
CA ALA D 170 4.78 1.61 11.12
C ALA D 170 4.61 2.40 9.84
N PHE D 171 4.75 1.72 8.72
CA PHE D 171 4.60 2.39 7.43
C PHE D 171 3.22 3.03 7.24
N ASP D 172 2.16 2.42 7.78
CA ASP D 172 0.81 3.03 7.74
C ASP D 172 0.67 4.20 8.71
N THR D 173 1.17 4.03 9.92
CA THR D 173 1.00 5.03 10.98
C THR D 173 1.68 6.35 10.62
N ILE D 174 2.77 6.26 9.88
CA ILE D 174 3.47 7.46 9.51
C ILE D 174 2.57 8.40 8.67
N THR D 175 1.64 7.85 7.89
CA THR D 175 0.68 8.66 7.12
C THR D 175 -0.69 8.81 7.82
N GLU D 176 -1.14 7.76 8.50
CA GLU D 176 -2.46 7.82 9.19
C GLU D 176 -2.49 8.77 10.38
N ARG D 177 -1.37 8.85 11.12
CA ARG D 177 -1.17 9.75 12.26
C ARG D 177 -2.15 9.49 13.41
N ALA D 178 -2.58 8.25 13.54
CA ALA D 178 -3.43 7.86 14.65
C ALA D 178 -3.13 6.40 14.94
N GLY D 179 -3.27 6.04 16.21
CA GLY D 179 -3.13 4.64 16.59
C GLY D 179 -3.24 4.41 18.07
N VAL D 180 -2.89 3.19 18.50
CA VAL D 180 -2.84 2.84 19.91
C VAL D 180 -1.41 2.35 20.24
N CYS D 181 -1.16 1.89 21.47
CA CYS D 181 0.22 1.66 21.91
C CYS D 181 1.02 0.74 20.98
N ARG D 182 0.38 -0.29 20.43
CA ARG D 182 1.09 -1.22 19.52
C ARG D 182 1.67 -0.44 18.31
N ASP D 183 0.88 0.48 17.77
CA ASP D 183 1.30 1.27 16.62
C ASP D 183 2.38 2.29 16.99
N PHE D 184 2.23 2.91 18.16
CA PHE D 184 3.25 3.86 18.64
C PHE D 184 4.60 3.12 18.84
N ALA D 185 4.55 1.90 19.38
CA ALA D 185 5.76 1.10 19.57
C ALA D 185 6.37 0.71 18.23
N HIS D 186 5.58 0.20 17.30
CA HIS D 186 6.12 -0.20 15.98
C HIS D 186 6.79 0.98 15.27
N LEU D 187 6.16 2.14 15.34
CA LEU D 187 6.71 3.29 14.65
C LEU D 187 8.03 3.74 15.27
N GLY D 188 8.12 3.78 16.60
CA GLY D 188 9.39 4.13 17.28
C GLY D 188 10.50 3.16 16.85
N ILE D 189 10.17 1.88 16.80
CA ILE D 189 11.16 0.85 16.40
C ILE D 189 11.60 1.06 14.96
N ALA D 190 10.63 1.23 14.06
CA ALA D 190 10.98 1.41 12.65
C ALA D 190 11.87 2.62 12.42
N LEU D 191 11.58 3.72 13.11
CA LEU D 191 12.39 4.93 12.93
C LEU D 191 13.80 4.76 13.53
N CYS D 192 13.91 4.07 14.65
CA CYS D 192 15.25 3.76 15.21
C CYS D 192 16.07 2.92 14.24
N ARG D 193 15.50 1.80 13.77
CA ARG D 193 16.20 0.92 12.84
C ARG D 193 16.57 1.65 11.53
N ALA D 194 15.71 2.56 11.08
CA ALA D 194 16.01 3.32 9.85
C ALA D 194 17.27 4.13 10.04
N LEU D 195 17.57 4.44 11.30
CA LEU D 195 18.78 5.22 11.63
C LEU D 195 19.92 4.34 12.15
N SER D 196 19.84 3.03 11.89
CA SER D 196 20.88 2.07 12.32
C SER D 196 21.04 1.99 13.85
N ILE D 197 19.92 2.10 14.57
CA ILE D 197 19.91 1.92 16.02
C ILE D 197 19.09 0.67 16.29
N PRO D 198 19.67 -0.35 16.96
CA PRO D 198 18.89 -1.55 17.20
C PRO D 198 17.73 -1.22 18.13
N ALA D 199 16.56 -1.80 17.83
CA ALA D 199 15.39 -1.55 18.64
C ALA D 199 14.49 -2.76 18.63
N ARG D 200 13.73 -2.94 19.72
CA ARG D 200 12.90 -4.11 19.86
C ARG D 200 11.58 -3.76 20.54
N TYR D 201 10.61 -4.64 20.35
CA TYR D 201 9.26 -4.46 20.87
C TYR D 201 9.19 -5.00 22.28
N PHE D 202 8.45 -4.31 23.16
CA PHE D 202 8.37 -4.69 24.56
C PHE D 202 6.88 -4.69 24.91
N THR D 203 6.40 -5.78 25.50
CA THR D 203 5.03 -5.78 26.04
C THR D 203 5.06 -6.03 27.53
N GLY D 204 4.03 -5.55 28.23
CA GLY D 204 4.00 -5.74 29.67
C GLY D 204 2.74 -5.27 30.35
N TYR D 205 2.74 -5.48 31.67
CA TYR D 205 1.74 -4.93 32.55
C TYR D 205 2.22 -3.55 32.95
N ALA D 206 1.29 -2.62 33.09
CA ALA D 206 1.65 -1.23 33.33
C ALA D 206 0.85 -0.64 34.47
N PHE D 207 1.54 -0.29 35.55
CA PHE D 207 0.93 0.37 36.70
C PHE D 207 0.54 1.79 36.34
N LYS D 208 -0.66 2.19 36.79
CA LYS D 208 -1.25 3.51 36.58
C LYS D 208 -1.80 3.74 35.16
N LEU D 209 -1.86 2.68 34.36
CA LEU D 209 -2.43 2.77 33.02
C LEU D 209 -3.96 2.82 33.06
N ASN D 210 -4.50 3.91 32.51
CA ASN D 210 -5.94 4.15 32.50
C ASN D 210 -6.42 4.37 31.06
N PRO D 211 -7.39 3.55 30.59
CA PRO D 211 -8.00 2.37 31.24
C PRO D 211 -7.04 1.19 31.23
N PRO D 212 -7.17 0.27 32.23
CA PRO D 212 -6.18 -0.81 32.38
C PRO D 212 -6.24 -1.82 31.23
N ASP D 213 -5.05 -2.15 30.70
CA ASP D 213 -4.92 -2.97 29.50
C ASP D 213 -3.49 -3.50 29.48
N PHE D 214 -3.18 -4.42 28.57
CA PHE D 214 -1.77 -4.75 28.27
C PHE D 214 -1.17 -3.56 27.54
N HIS D 215 0.13 -3.34 27.73
CA HIS D 215 0.77 -2.16 27.16
C HIS D 215 1.92 -2.62 26.26
N ALA D 216 2.23 -1.82 25.26
CA ALA D 216 3.37 -2.10 24.40
C ALA D 216 4.17 -0.83 24.22
N CYS D 217 5.49 -0.95 24.22
CA CYS D 217 6.39 0.15 23.89
C CYS D 217 7.64 -0.45 23.27
N PHE D 218 8.76 0.25 23.37
CA PHE D 218 9.95 -0.28 22.72
C PHE D 218 11.21 0.00 23.52
N GLU D 219 12.28 -0.70 23.17
CA GLU D 219 13.57 -0.47 23.79
C GLU D 219 14.57 -0.25 22.67
N ALA D 220 15.53 0.64 22.90
CA ALA D 220 16.60 0.87 21.93
C ALA D 220 17.93 0.55 22.58
N TYR D 221 18.83 0.00 21.80
CA TYR D 221 20.10 -0.43 22.33
C TYR D 221 21.08 0.73 22.20
N ILE D 222 21.42 1.32 23.34
CA ILE D 222 22.25 2.52 23.37
C ILE D 222 23.38 2.26 24.36
N GLY D 223 24.61 2.36 23.87
CA GLY D 223 25.81 2.19 24.70
C GLY D 223 25.83 0.89 25.48
N GLY D 224 25.31 -0.18 24.89
CA GLY D 224 25.39 -1.49 25.50
C GLY D 224 24.23 -1.83 26.39
N ASN D 225 23.23 -0.96 26.44
CA ASN D 225 22.06 -1.17 27.28
C ASN D 225 20.76 -1.00 26.51
N TRP D 226 19.77 -1.85 26.79
CA TRP D 226 18.41 -1.66 26.28
C TRP D 226 17.71 -0.61 27.13
N ILE D 227 17.43 0.53 26.51
CA ILE D 227 16.80 1.67 27.17
C ILE D 227 15.36 1.70 26.69
N ILE D 228 14.42 1.74 27.63
CA ILE D 228 13.00 1.76 27.36
C ILE D 228 12.48 3.14 26.94
N PHE D 229 11.52 3.16 25.99
CA PHE D 229 10.87 4.39 25.54
C PHE D 229 9.41 4.10 25.33
N ASP D 230 8.57 5.11 25.52
CA ASP D 230 7.15 4.93 25.27
C ASP D 230 6.56 6.23 24.74
N ALA D 231 6.28 6.25 23.44
CA ALA D 231 5.80 7.44 22.80
C ALA D 231 4.35 7.81 23.16
N THR D 232 3.60 6.89 23.78
CA THR D 232 2.23 7.24 24.21
C THR D 232 2.22 8.16 25.42
N ARG D 233 3.33 8.14 26.17
CA ARG D 233 3.48 8.87 27.42
C ARG D 233 2.38 8.52 28.41
N LEU D 234 1.82 7.31 28.30
CA LEU D 234 0.66 6.95 29.10
C LEU D 234 1.01 6.39 30.48
N VAL D 235 2.24 5.91 30.65
CA VAL D 235 2.59 5.18 31.88
C VAL D 235 3.95 5.57 32.43
N PRO D 236 4.10 5.59 33.76
CA PRO D 236 5.43 5.78 34.33
C PRO D 236 6.29 4.61 33.91
N LEU D 237 7.50 4.89 33.44
CA LEU D 237 8.36 3.85 32.84
C LEU D 237 8.79 2.82 33.85
N ASN D 238 8.88 3.22 35.11
CA ASN D 238 9.29 2.31 36.16
C ASN D 238 8.15 1.43 36.66
N GLY D 239 6.96 1.60 36.10
CA GLY D 239 5.81 0.81 36.53
C GLY D 239 5.50 -0.39 35.67
N LEU D 240 6.44 -0.74 34.79
CA LEU D 240 6.25 -1.82 33.83
C LEU D 240 6.75 -3.17 34.34
N VAL D 241 5.95 -4.21 34.10
CA VAL D 241 6.34 -5.58 34.36
C VAL D 241 6.37 -6.28 33.01
N LYS D 242 7.55 -6.78 32.65
CA LYS D 242 7.79 -7.32 31.32
C LYS D 242 7.09 -8.64 31.06
N ILE D 243 6.33 -8.69 29.97
CA ILE D 243 5.80 -9.94 29.45
C ILE D 243 6.76 -10.52 28.39
N ALA D 244 7.06 -9.73 27.36
CA ALA D 244 7.85 -10.22 26.25
C ALA D 244 8.64 -9.11 25.58
N THR D 245 9.73 -9.49 24.93
CA THR D 245 10.34 -8.65 23.91
C THR D 245 10.45 -9.46 22.61
N GLY D 246 10.54 -8.74 21.49
CA GLY D 246 10.69 -9.41 20.20
C GLY D 246 10.95 -8.38 19.11
N ARG D 247 10.97 -8.82 17.87
CA ARG D 247 11.22 -7.87 16.78
C ARG D 247 10.06 -6.90 16.61
N ASP D 248 8.84 -7.41 16.83
CA ASP D 248 7.61 -6.64 16.72
C ASP D 248 6.46 -7.51 17.24
N ALA D 249 5.23 -7.06 17.06
CA ALA D 249 4.06 -7.76 17.60
C ALA D 249 3.86 -9.16 17.03
N ALA D 250 4.44 -9.46 15.88
CA ALA D 250 4.39 -10.83 15.33
C ALA D 250 4.97 -11.83 16.33
N ASP D 251 5.94 -11.38 17.12
CA ASP D 251 6.65 -12.22 18.11
C ASP D 251 6.08 -12.11 19.54
N ALA D 252 5.01 -11.33 19.72
CA ALA D 252 4.52 -11.05 21.07
C ALA D 252 3.02 -10.74 21.11
N ALA D 253 2.22 -11.48 20.33
CA ALA D 253 0.78 -11.24 20.33
C ALA D 253 0.20 -11.71 21.66
N VAL D 254 -0.83 -11.02 22.14
CA VAL D 254 -1.56 -11.48 23.33
C VAL D 254 -2.18 -12.86 23.00
N ALA D 255 -2.81 -12.97 21.83
CA ALA D 255 -3.42 -14.22 21.41
C ALA D 255 -3.37 -14.38 19.90
N SER D 256 -2.78 -15.49 19.46
CA SER D 256 -2.85 -15.88 18.07
C SER D 256 -3.90 -16.98 17.96
N ILE D 257 -4.89 -16.76 17.10
CA ILE D 257 -6.05 -17.64 16.97
C ILE D 257 -5.96 -18.41 15.65
N PHE D 258 -5.97 -19.73 15.73
CA PHE D 258 -6.00 -20.54 14.52
C PHE D 258 -7.34 -21.23 14.48
N GLY D 259 -8.27 -20.63 13.74
CA GLY D 259 -9.68 -21.04 13.71
C GLY D 259 -10.58 -19.80 13.71
N ASN D 260 -11.74 -19.92 14.35
CA ASN D 260 -12.68 -18.80 14.44
C ASN D 260 -13.15 -18.59 15.87
N ALA D 261 -12.55 -17.60 16.53
CA ALA D 261 -12.94 -17.25 17.89
C ALA D 261 -12.78 -15.75 18.11
N SER D 262 -13.64 -15.19 18.94
CA SER D 262 -13.56 -13.78 19.27
C SER D 262 -13.66 -13.55 20.78
N SER D 263 -12.91 -12.54 21.24
CA SER D 263 -12.93 -12.13 22.63
C SER D 263 -14.24 -11.41 22.93
N THR D 264 -14.74 -11.57 24.14
CA THR D 264 -15.93 -10.84 24.59
C THR D 264 -15.63 -10.00 25.82
N ASN D 265 -14.69 -10.48 26.63
CA ASN D 265 -14.29 -9.78 27.84
C ASN D 265 -12.76 -9.74 28.01
N HIS D 267 -9.98 -8.06 31.06
CA HIS D 267 -9.60 -7.30 32.26
C HIS D 267 -8.11 -7.46 32.47
N VAL D 268 -7.39 -6.34 32.62
CA VAL D 268 -5.97 -6.35 32.94
C VAL D 268 -5.69 -5.28 33.98
N GLU D 269 -5.02 -5.66 35.06
CA GLU D 269 -4.68 -4.71 36.12
C GLU D 269 -3.27 -4.93 36.65
N CYS D 270 -2.66 -3.86 37.16
CA CYS D 270 -1.33 -3.89 37.75
C CYS D 270 -1.29 -2.91 38.94
N ALA D 271 -0.78 -3.38 40.08
CA ALA D 271 -0.72 -2.53 41.28
C ALA D 271 0.67 -2.50 41.92
N SER D 272 1.10 -1.34 42.39
CA SER D 272 2.36 -1.22 43.12
C SER D 272 2.19 -1.63 44.58
N LEU D 273 3.08 -2.48 45.08
CA LEU D 273 3.04 -2.91 46.49
C LEU D 273 4.14 -2.29 47.36
N ASP D 274 4.95 -1.40 46.79
CA ASP D 274 6.00 -0.72 47.54
C ASP D 274 5.46 0.39 48.42
N THR D 275 6.19 0.67 49.50
CA THR D 275 5.75 1.67 50.47
C THR D 275 5.63 3.07 49.85
N ASP D 276 6.48 3.36 48.86
CA ASP D 276 6.46 4.63 48.19
C ASP D 276 6.77 4.46 46.69
N PHE D 277 5.74 4.54 45.86
CA PHE D 277 5.95 4.55 44.41
C PHE D 277 6.17 5.99 43.96
N THR D 278 7.33 6.21 43.33
CA THR D 278 7.65 7.51 42.72
C THR D 278 7.76 7.37 41.18
N PRO D 279 6.80 7.95 40.44
CA PRO D 279 6.77 7.78 38.98
C PRO D 279 8.02 8.31 38.30
N PHE D 280 8.57 7.54 37.36
CA PHE D 280 9.70 7.97 36.55
C PHE D 280 9.21 8.38 35.16
N TRP D 281 9.59 9.57 34.72
CA TRP D 281 9.23 10.10 33.40
C TRP D 281 10.48 10.69 32.80
N TYR D 282 10.64 10.56 31.48
CA TYR D 282 11.75 11.26 30.82
C TYR D 282 11.50 12.77 30.77
N ASP D 283 12.57 13.52 30.73
CA ASP D 283 12.52 14.93 30.47
C ASP D 283 13.63 15.18 29.45
N LYS D 284 13.30 15.94 28.41
CA LYS D 284 14.23 16.26 27.31
C LYS D 284 15.60 16.78 27.77
N ASN D 285 15.60 17.47 28.92
CA ASN D 285 16.81 18.05 29.51
C ASN D 285 17.54 17.13 30.50
N SER D 286 17.02 15.92 30.70
CA SER D 286 17.68 14.92 31.55
C SER D 286 18.19 13.78 30.69
N LEU D 287 19.51 13.72 30.53
CA LEU D 287 20.09 12.70 29.68
C LEU D 287 20.33 11.42 30.50
N LYS D 288 19.21 10.79 30.87
CA LYS D 288 19.22 9.56 31.66
C LYS D 288 18.26 8.58 31.01
N GLY D 289 18.65 7.31 30.94
CA GLY D 289 17.82 6.28 30.32
C GLY D 289 17.48 5.23 31.35
N LEU D 290 16.23 4.77 31.32
CA LEU D 290 15.81 3.70 32.21
C LEU D 290 16.01 2.35 31.51
N SER D 291 16.66 1.41 32.22
CA SER D 291 16.95 0.09 31.66
C SER D 291 16.53 -1.05 32.60
N PHE D 292 15.66 -1.93 32.14
CA PHE D 292 15.29 -3.11 32.92
C PHE D 292 16.39 -4.16 32.92
N GLN D 293 17.14 -4.13 34.01
CA GLN D 293 18.25 -5.04 34.28
C GLN D 293 18.65 -4.88 35.75
#